data_8Y5Y
#
_entry.id   8Y5Y
#
loop_
_entity.id
_entity.type
_entity.pdbx_description
1 polymer 'Solute carrier family 13 member 1'
2 non-polymer 'SULFATE ION'
#
_entity_poly.entity_id   1
_entity_poly.type   'polypeptide(L)'
_entity_poly.pdbx_seq_one_letter_code
;MKFFSYILVYRRFLFVVFTVLVLLPLPIVLHTKEAECAYTLFVVATFWLTEALPLSVTALLPSLMLPMFGIMPSKKVASA
YFKDFHLLLIGVICLATSIEKWNLHKRIALKMVMMVGVNPAWLTLGFMSSTAFLSMWLSNTSTAAMVMPIAEAVVQQIIN
AEAEVEATQMTYFNGSTNHGLEIDESVNGHEINERKEKTKPVPGYNNDTGKISSKVELEKNSGMRTKYRTKKGHVTRKLT
CLCIAYSSTIGGLTTITGTSTNLIFAEYFNTRYPDCRCLNFGSWFTFSFPAALIILLLSWIWLQWLFLGFNFKEMFKCGK
TKTVQQKACAEVIKQEYQKLGPIRYQEIVTLVLFIIMALLWFSRDPGFVPGWSALFSEYPGFATDSTVALLIGLLFFLIP
AKTLTKTTPTGEIVAFDYSPLITWKEFQSFMPWDIAILVGGGFALADGCEESGLSKWIGNKLSPLGSLPAWLIILISSLM
VTSLTEVASNPATITLFLPILSPLAEAIHVNPLYILIPSTLCTSFAFLLPVANPPNAIVFSYGHLKVIDMVKAGLGVNIV
GVAVVMLGICTWIVPMFDLYTYPSWAPAMSNETMP
;
_entity_poly.pdbx_strand_id   C,B
#
loop_
_chem_comp.id
_chem_comp.type
_chem_comp.name
_chem_comp.formula
SO4 non-polymer 'SULFATE ION' 'O4 S -2'
#
# COMPACT_ATOMS: atom_id res chain seq x y z
N LYS A 2 -33.08 -31.08 0.61
CA LYS A 2 -33.31 -29.82 -0.07
C LYS A 2 -32.91 -28.64 0.81
N PHE A 3 -33.61 -28.48 1.95
CA PHE A 3 -33.29 -27.41 2.88
C PHE A 3 -31.89 -27.59 3.46
N PHE A 4 -31.52 -28.83 3.79
CA PHE A 4 -30.18 -29.09 4.30
C PHE A 4 -29.13 -28.84 3.23
N SER A 5 -29.46 -29.14 1.98
CA SER A 5 -28.53 -28.88 0.88
C SER A 5 -28.29 -27.39 0.69
N TYR A 6 -29.34 -26.57 0.84
CA TYR A 6 -29.21 -25.13 0.66
C TYR A 6 -28.29 -24.52 1.71
N ILE A 7 -28.25 -25.10 2.92
CA ILE A 7 -27.31 -24.63 3.93
C ILE A 7 -25.88 -24.98 3.52
N LEU A 8 -25.69 -26.15 2.91
CA LEU A 8 -24.34 -26.62 2.60
C LEU A 8 -23.70 -25.81 1.48
N VAL A 9 -24.50 -25.34 0.52
CA VAL A 9 -23.93 -24.60 -0.60
C VAL A 9 -23.47 -23.21 -0.14
N TYR A 10 -24.25 -22.56 0.72
CA TYR A 10 -23.89 -21.24 1.25
C TYR A 10 -23.19 -21.38 2.60
N ARG A 11 -22.15 -22.21 2.63
CA ARG A 11 -21.42 -22.40 3.88
C ARG A 11 -20.70 -21.14 4.31
N ARG A 12 -20.03 -20.46 3.38
CA ARG A 12 -19.23 -19.30 3.74
C ARG A 12 -20.12 -18.13 4.17
N PHE A 13 -21.21 -17.89 3.47
CA PHE A 13 -22.08 -16.77 3.79
C PHE A 13 -22.70 -16.93 5.17
N LEU A 14 -23.20 -18.13 5.48
CA LEU A 14 -23.80 -18.36 6.79
C LEU A 14 -22.76 -18.35 7.90
N PHE A 15 -21.58 -18.90 7.62
CA PHE A 15 -20.53 -18.95 8.64
C PHE A 15 -20.05 -17.55 9.02
N VAL A 16 -19.89 -16.67 8.03
CA VAL A 16 -19.44 -15.31 8.32
C VAL A 16 -20.46 -14.59 9.19
N VAL A 17 -21.74 -14.72 8.86
CA VAL A 17 -22.79 -14.12 9.68
C VAL A 17 -22.83 -14.76 11.06
N PHE A 18 -22.71 -16.10 11.10
CA PHE A 18 -22.86 -16.81 12.38
C PHE A 18 -21.77 -16.41 13.37
N THR A 19 -20.52 -16.32 12.91
CA THR A 19 -19.42 -16.04 13.83
C THR A 19 -19.47 -14.61 14.33
N VAL A 20 -20.00 -13.68 13.52
CA VAL A 20 -20.10 -12.29 13.95
C VAL A 20 -21.14 -12.16 15.05
N LEU A 21 -22.30 -12.80 14.87
CA LEU A 21 -23.37 -12.70 15.87
C LEU A 21 -23.11 -13.54 17.10
N VAL A 22 -22.45 -14.69 16.98
CA VAL A 22 -22.19 -15.50 18.16
C VAL A 22 -21.07 -14.89 19.00
N LEU A 23 -20.16 -14.14 18.38
CA LEU A 23 -19.17 -13.36 19.11
C LEU A 23 -19.67 -11.96 19.45
N LEU A 24 -20.84 -11.58 18.95
CA LEU A 24 -21.37 -10.25 19.23
C LEU A 24 -21.64 -9.96 20.71
N PRO A 25 -22.02 -10.93 21.55
CA PRO A 25 -22.18 -10.58 22.97
C PRO A 25 -20.90 -10.11 23.64
N LEU A 26 -19.73 -10.46 23.11
CA LEU A 26 -18.47 -10.08 23.77
C LEU A 26 -18.30 -8.57 23.89
N PRO A 27 -18.52 -7.75 22.85
CA PRO A 27 -18.38 -6.29 23.05
C PRO A 27 -19.40 -5.70 24.01
N ILE A 28 -20.70 -5.97 23.80
CA ILE A 28 -21.73 -5.33 24.62
C ILE A 28 -21.59 -5.73 26.08
N VAL A 29 -21.41 -7.03 26.34
CA VAL A 29 -21.12 -7.46 27.70
C VAL A 29 -19.70 -7.05 28.07
N LEU A 30 -19.41 -7.06 29.38
CA LEU A 30 -18.14 -6.62 29.97
C LEU A 30 -18.00 -5.11 29.97
N HIS A 31 -19.11 -4.37 29.85
CA HIS A 31 -19.15 -2.92 29.96
C HIS A 31 -18.34 -2.22 28.87
N THR A 32 -17.99 -2.93 27.80
CA THR A 32 -17.29 -2.36 26.65
C THR A 32 -16.01 -1.65 27.06
N LYS A 33 -15.07 -2.45 27.62
CA LYS A 33 -13.80 -1.92 28.09
C LYS A 33 -12.63 -2.36 27.22
N GLU A 34 -12.40 -3.66 27.07
CA GLU A 34 -11.35 -4.17 26.19
C GLU A 34 -11.78 -5.38 25.38
N ALA A 35 -12.99 -5.88 25.56
CA ALA A 35 -13.45 -7.02 24.78
C ALA A 35 -13.65 -6.66 23.31
N GLU A 36 -13.81 -5.37 23.00
CA GLU A 36 -13.95 -4.95 21.61
C GLU A 36 -12.72 -5.30 20.79
N CYS A 37 -11.53 -5.06 21.36
CA CYS A 37 -10.31 -5.47 20.68
C CYS A 37 -10.17 -6.99 20.64
N ALA A 38 -10.55 -7.67 21.72
CA ALA A 38 -10.50 -9.12 21.74
C ALA A 38 -11.50 -9.71 20.74
N TYR A 39 -12.69 -9.12 20.66
CA TYR A 39 -13.68 -9.57 19.68
C TYR A 39 -13.18 -9.36 18.26
N THR A 40 -12.56 -8.21 18.00
CA THR A 40 -11.98 -7.96 16.68
C THR A 40 -10.84 -8.94 16.39
N LEU A 41 -10.01 -9.21 17.40
CA LEU A 41 -8.91 -10.15 17.20
C LEU A 41 -9.43 -11.56 16.91
N PHE A 42 -10.47 -11.98 17.62
CA PHE A 42 -10.98 -13.34 17.45
C PHE A 42 -11.64 -13.53 16.09
N VAL A 43 -12.43 -12.55 15.65
CA VAL A 43 -13.16 -12.71 14.38
C VAL A 43 -12.18 -12.70 13.21
N VAL A 44 -11.13 -11.86 13.28
CA VAL A 44 -10.13 -11.85 12.22
C VAL A 44 -9.35 -13.16 12.22
N ALA A 45 -8.98 -13.66 13.39
CA ALA A 45 -8.26 -14.92 13.47
C ALA A 45 -9.12 -16.08 12.97
N THR A 46 -10.43 -16.04 13.26
CA THR A 46 -11.32 -17.09 12.78
C THR A 46 -11.37 -17.12 11.26
N PHE A 47 -11.42 -15.95 10.63
CA PHE A 47 -11.42 -15.89 9.17
C PHE A 47 -10.06 -16.22 8.59
N TRP A 48 -9.00 -16.18 9.38
CA TRP A 48 -7.67 -16.52 8.87
C TRP A 48 -7.43 -18.03 8.93
N LEU A 49 -7.90 -18.69 9.99
CA LEU A 49 -7.74 -20.15 10.09
C LEU A 49 -8.48 -20.85 8.96
N THR A 50 -9.76 -20.54 8.78
CA THR A 50 -10.58 -21.09 7.72
C THR A 50 -10.97 -20.00 6.74
N GLU A 51 -10.90 -20.31 5.45
CA GLU A 51 -11.08 -19.30 4.41
C GLU A 51 -12.57 -18.99 4.22
N ALA A 52 -13.14 -18.32 5.21
CA ALA A 52 -14.49 -17.78 5.06
C ALA A 52 -14.49 -16.55 4.16
N LEU A 53 -13.40 -15.79 4.17
CA LEU A 53 -13.18 -14.64 3.31
C LEU A 53 -11.74 -14.70 2.81
N PRO A 54 -11.43 -14.02 1.71
CA PRO A 54 -10.05 -13.98 1.23
C PRO A 54 -9.13 -13.39 2.29
N LEU A 55 -7.88 -13.86 2.30
CA LEU A 55 -6.94 -13.48 3.33
C LEU A 55 -6.70 -11.98 3.35
N SER A 56 -6.57 -11.37 2.17
CA SER A 56 -6.36 -9.92 2.11
C SER A 56 -7.62 -9.16 2.53
N VAL A 57 -8.80 -9.70 2.24
CA VAL A 57 -10.04 -9.05 2.67
C VAL A 57 -10.13 -9.01 4.18
N THR A 58 -9.79 -10.11 4.85
CA THR A 58 -9.82 -10.14 6.30
C THR A 58 -8.83 -9.15 6.90
N ALA A 59 -7.71 -8.90 6.21
CA ALA A 59 -6.74 -7.92 6.70
C ALA A 59 -7.30 -6.51 6.72
N LEU A 60 -8.35 -6.25 5.94
CA LEU A 60 -9.00 -4.94 5.94
C LEU A 60 -10.09 -4.81 6.99
N LEU A 61 -10.43 -5.90 7.68
CA LEU A 61 -11.40 -5.83 8.77
C LEU A 61 -10.95 -4.91 9.91
N PRO A 62 -9.70 -4.91 10.36
CA PRO A 62 -9.31 -3.95 11.42
C PRO A 62 -9.57 -2.50 11.03
N SER A 63 -9.48 -2.15 9.75
CA SER A 63 -9.81 -0.80 9.32
C SER A 63 -11.28 -0.47 9.53
N LEU A 64 -12.13 -1.49 9.74
CA LEU A 64 -13.55 -1.30 9.99
C LEU A 64 -13.86 -1.30 11.49
N MET A 65 -13.42 -2.34 12.19
CA MET A 65 -13.87 -2.55 13.56
C MET A 65 -13.21 -1.56 14.52
N LEU A 66 -11.91 -1.31 14.35
CA LEU A 66 -11.21 -0.40 15.26
C LEU A 66 -11.78 1.01 15.24
N PRO A 67 -12.06 1.65 14.09
CA PRO A 67 -12.68 2.98 14.15
C PRO A 67 -14.09 2.95 14.71
N MET A 68 -14.92 1.99 14.31
CA MET A 68 -16.28 1.92 14.83
C MET A 68 -16.28 1.64 16.33
N PHE A 69 -15.42 0.73 16.79
CA PHE A 69 -15.32 0.47 18.22
C PHE A 69 -14.65 1.60 18.97
N GLY A 70 -13.97 2.51 18.27
CA GLY A 70 -13.32 3.64 18.90
C GLY A 70 -11.99 3.34 19.54
N ILE A 71 -11.37 2.21 19.21
CA ILE A 71 -10.07 1.88 19.79
C ILE A 71 -9.00 2.87 19.32
N MET A 72 -9.00 3.18 18.04
CA MET A 72 -8.04 4.12 17.47
C MET A 72 -8.65 4.75 16.23
N PRO A 73 -8.27 5.98 15.89
CA PRO A 73 -8.87 6.65 14.73
C PRO A 73 -8.51 5.96 13.43
N SER A 74 -9.38 6.13 12.43
CA SER A 74 -9.16 5.51 11.12
C SER A 74 -7.89 6.04 10.46
N LYS A 75 -7.49 7.28 10.77
CA LYS A 75 -6.26 7.83 10.21
C LYS A 75 -5.05 7.03 10.68
N LYS A 76 -5.03 6.64 11.96
CA LYS A 76 -3.89 5.90 12.48
C LYS A 76 -3.90 4.45 12.00
N VAL A 77 -5.08 3.90 11.72
CA VAL A 77 -5.16 2.53 11.24
C VAL A 77 -4.47 2.39 9.89
N ALA A 78 -4.73 3.34 8.99
CA ALA A 78 -4.14 3.28 7.66
C ALA A 78 -2.64 3.44 7.71
N SER A 79 -2.14 4.30 8.60
CA SER A 79 -0.69 4.52 8.69
C SER A 79 0.04 3.25 9.10
N ALA A 80 -0.63 2.33 9.80
CA ALA A 80 -0.01 1.08 10.20
C ALA A 80 -0.04 0.02 9.11
N TYR A 81 -0.76 0.26 8.02
CA TYR A 81 -0.87 -0.77 6.98
C TYR A 81 0.42 -0.87 6.15
N PHE A 82 1.08 0.26 5.89
CA PHE A 82 2.30 0.27 5.11
C PHE A 82 3.45 0.62 6.03
N LYS A 83 4.46 -0.25 6.11
CA LYS A 83 5.52 -0.08 7.08
C LYS A 83 6.86 -0.41 6.42
N ASP A 84 7.89 -0.55 7.25
CA ASP A 84 9.25 -0.73 6.75
C ASP A 84 9.38 -2.01 5.95
N PHE A 85 8.63 -3.05 6.32
CA PHE A 85 8.69 -4.31 5.58
C PHE A 85 8.23 -4.14 4.14
N HIS A 86 7.21 -3.32 3.91
CA HIS A 86 6.66 -3.17 2.57
C HIS A 86 7.66 -2.53 1.62
N LEU A 87 8.44 -1.55 2.09
CA LEU A 87 9.48 -0.97 1.25
C LEU A 87 10.54 -2.02 0.91
N LEU A 88 10.85 -2.91 1.86
CA LEU A 88 11.75 -4.02 1.57
C LEU A 88 11.16 -4.94 0.52
N LEU A 89 9.85 -5.22 0.61
CA LEU A 89 9.21 -6.10 -0.35
C LEU A 89 9.25 -5.51 -1.76
N ILE A 90 8.99 -4.21 -1.88
CA ILE A 90 8.95 -3.58 -3.20
C ILE A 90 10.33 -3.64 -3.87
N GLY A 91 11.39 -3.37 -3.11
CA GLY A 91 12.73 -3.39 -3.68
C GLY A 91 13.14 -4.77 -4.16
N VAL A 92 12.81 -5.81 -3.39
CA VAL A 92 13.19 -7.17 -3.77
C VAL A 92 12.39 -7.63 -4.98
N ILE A 93 11.11 -7.28 -5.04
CA ILE A 93 10.27 -7.70 -6.16
C ILE A 93 10.77 -7.11 -7.47
N CYS A 94 11.36 -5.91 -7.43
CA CYS A 94 11.98 -5.36 -8.62
C CYS A 94 13.08 -6.29 -9.14
N LEU A 95 13.91 -6.81 -8.24
CA LEU A 95 14.92 -7.78 -8.64
C LEU A 95 14.28 -9.10 -9.02
N ALA A 96 13.25 -9.53 -8.28
CA ALA A 96 12.58 -10.80 -8.58
C ALA A 96 11.92 -10.77 -9.95
N THR A 97 11.29 -9.64 -10.30
CA THR A 97 10.67 -9.52 -11.62
C THR A 97 11.71 -9.59 -12.74
N SER A 98 12.87 -8.95 -12.53
CA SER A 98 13.90 -8.96 -13.56
C SER A 98 14.51 -10.34 -13.73
N ILE A 99 14.59 -11.10 -12.63
CA ILE A 99 15.14 -12.46 -12.72
C ILE A 99 14.24 -13.34 -13.59
N GLU A 100 12.93 -13.27 -13.37
CA GLU A 100 12.00 -14.12 -14.11
C GLU A 100 11.86 -13.64 -15.56
N LYS A 101 11.84 -12.32 -15.78
CA LYS A 101 11.59 -11.79 -17.11
C LYS A 101 12.67 -12.21 -18.11
N TRP A 102 13.93 -12.22 -17.68
CA TRP A 102 15.04 -12.52 -18.56
C TRP A 102 15.50 -13.97 -18.44
N ASN A 103 14.67 -14.84 -17.87
CA ASN A 103 14.96 -16.28 -17.76
C ASN A 103 16.26 -16.54 -17.01
N LEU A 104 16.57 -15.69 -16.03
CA LEU A 104 17.75 -15.94 -15.20
C LEU A 104 17.51 -17.10 -14.23
N HIS A 105 16.27 -17.27 -13.77
CA HIS A 105 15.97 -18.36 -12.85
C HIS A 105 16.14 -19.71 -13.53
N LYS A 106 15.74 -19.82 -14.79
CA LYS A 106 15.87 -21.08 -15.50
C LYS A 106 17.33 -21.50 -15.64
N ARG A 107 18.21 -20.56 -15.96
CA ARG A 107 19.62 -20.89 -16.12
C ARG A 107 20.24 -21.31 -14.79
N ILE A 108 19.89 -20.63 -13.70
CA ILE A 108 20.40 -20.99 -12.38
C ILE A 108 19.89 -22.37 -11.98
N ALA A 109 18.60 -22.62 -12.18
CA ALA A 109 18.02 -23.91 -11.82
C ALA A 109 18.63 -25.05 -12.65
N LEU A 110 18.81 -24.83 -13.95
CA LEU A 110 19.39 -25.86 -14.80
C LEU A 110 20.83 -26.14 -14.40
N LYS A 111 21.61 -25.10 -14.09
CA LYS A 111 22.98 -25.30 -13.65
C LYS A 111 23.04 -26.06 -12.34
N MET A 112 22.11 -25.75 -11.41
CA MET A 112 22.07 -26.46 -10.14
C MET A 112 21.76 -27.94 -10.33
N VAL A 113 20.82 -28.26 -11.23
CA VAL A 113 20.41 -29.64 -11.42
C VAL A 113 21.52 -30.45 -12.10
N MET A 114 22.20 -29.84 -13.08
CA MET A 114 23.25 -30.57 -13.80
C MET A 114 24.39 -30.96 -12.88
N MET A 115 24.79 -30.07 -11.98
CA MET A 115 25.90 -30.38 -11.08
C MET A 115 25.54 -31.50 -10.12
N VAL A 116 24.54 -31.26 -9.26
CA VAL A 116 24.11 -32.24 -8.26
C VAL A 116 22.60 -32.23 -8.16
N GLY A 117 22.05 -33.01 -7.23
CA GLY A 117 20.63 -33.00 -6.97
C GLY A 117 19.77 -33.65 -8.03
N VAL A 118 19.88 -34.96 -8.19
CA VAL A 118 18.98 -35.72 -9.03
C VAL A 118 17.83 -36.31 -8.22
N ASN A 119 18.12 -36.86 -7.05
CA ASN A 119 17.09 -37.44 -6.19
C ASN A 119 16.30 -36.32 -5.51
N PRO A 120 14.97 -36.41 -5.47
CA PRO A 120 14.18 -35.32 -4.87
C PRO A 120 14.49 -35.06 -3.40
N ALA A 121 14.83 -36.10 -2.63
CA ALA A 121 15.10 -35.90 -1.21
C ALA A 121 16.33 -35.04 -0.99
N TRP A 122 17.32 -35.14 -1.87
CA TRP A 122 18.53 -34.33 -1.73
C TRP A 122 18.27 -32.87 -2.12
N LEU A 123 17.24 -32.62 -2.92
CA LEU A 123 16.93 -31.25 -3.31
C LEU A 123 16.49 -30.42 -2.11
N THR A 124 15.52 -30.92 -1.33
CA THR A 124 15.01 -30.16 -0.19
C THR A 124 16.06 -30.03 0.89
N LEU A 125 16.95 -31.02 1.02
CA LEU A 125 18.07 -30.90 1.95
C LEU A 125 19.01 -29.77 1.52
N GLY A 126 19.32 -29.70 0.22
CA GLY A 126 20.13 -28.61 -0.28
C GLY A 126 19.42 -27.27 -0.20
N PHE A 127 18.11 -27.27 -0.47
CA PHE A 127 17.34 -26.04 -0.40
C PHE A 127 17.32 -25.48 1.01
N MET A 128 17.13 -26.34 2.01
CA MET A 128 17.16 -25.89 3.40
C MET A 128 18.53 -25.37 3.79
N SER A 129 19.59 -26.11 3.44
CA SER A 129 20.94 -25.71 3.83
C SER A 129 21.34 -24.40 3.18
N SER A 130 21.05 -24.24 1.89
CA SER A 130 21.42 -23.02 1.18
C SER A 130 20.66 -21.82 1.74
N THR A 131 19.35 -21.98 1.96
CA THR A 131 18.55 -20.86 2.47
C THR A 131 18.91 -20.52 3.91
N ALA A 132 19.11 -21.54 4.74
CA ALA A 132 19.46 -21.29 6.14
C ALA A 132 20.80 -20.58 6.27
N PHE A 133 21.79 -20.99 5.48
CA PHE A 133 23.08 -20.32 5.52
C PHE A 133 22.98 -18.90 4.95
N LEU A 134 22.14 -18.71 3.94
CA LEU A 134 21.87 -17.36 3.46
C LEU A 134 21.14 -16.54 4.52
N SER A 135 20.21 -17.16 5.25
CA SER A 135 19.50 -16.48 6.32
C SER A 135 20.37 -16.23 7.53
N MET A 136 21.56 -16.82 7.59
CA MET A 136 22.46 -16.61 8.71
C MET A 136 22.87 -15.15 8.85
N TRP A 137 23.11 -14.47 7.73
CA TRP A 137 23.69 -13.14 7.75
C TRP A 137 22.70 -12.04 7.37
N LEU A 138 21.91 -12.23 6.31
CA LEU A 138 21.16 -11.10 5.76
C LEU A 138 19.90 -10.81 6.55
N SER A 139 18.93 -11.72 6.52
CA SER A 139 17.63 -11.55 7.18
C SER A 139 16.73 -12.75 6.95
N ASN A 140 15.70 -12.90 7.78
CA ASN A 140 14.66 -13.87 7.48
C ASN A 140 13.76 -13.39 6.35
N THR A 141 13.39 -12.11 6.37
CA THR A 141 12.56 -11.54 5.32
C THR A 141 13.29 -11.50 3.99
N SER A 142 14.57 -11.11 4.01
CA SER A 142 15.32 -10.97 2.76
C SER A 142 15.52 -12.32 2.09
N THR A 143 16.01 -13.31 2.84
CA THR A 143 16.36 -14.59 2.22
C THR A 143 15.12 -15.33 1.70
N ALA A 144 13.95 -15.03 2.27
CA ALA A 144 12.74 -15.71 1.84
C ALA A 144 12.38 -15.34 0.41
N ALA A 145 12.51 -14.07 0.06
CA ALA A 145 12.12 -13.61 -1.27
C ALA A 145 13.26 -13.68 -2.28
N MET A 146 14.49 -13.95 -1.84
CA MET A 146 15.61 -13.97 -2.78
C MET A 146 15.77 -15.34 -3.43
N VAL A 147 15.69 -16.42 -2.64
CA VAL A 147 15.86 -17.77 -3.18
C VAL A 147 14.56 -18.38 -3.66
N MET A 148 13.41 -17.79 -3.32
CA MET A 148 12.13 -18.34 -3.78
C MET A 148 12.02 -18.36 -5.29
N PRO A 149 12.36 -17.29 -6.04
CA PRO A 149 12.36 -17.43 -7.51
C PRO A 149 13.33 -18.49 -7.99
N ILE A 150 14.46 -18.66 -7.31
CA ILE A 150 15.38 -19.75 -7.66
C ILE A 150 14.78 -21.10 -7.29
N ALA A 151 14.14 -21.17 -6.12
CA ALA A 151 13.59 -22.45 -5.65
C ALA A 151 12.49 -22.95 -6.58
N GLU A 152 11.57 -22.07 -6.98
CA GLU A 152 10.50 -22.49 -7.88
C GLU A 152 11.06 -22.91 -9.23
N ALA A 153 12.11 -22.23 -9.69
CA ALA A 153 12.68 -22.54 -11.00
C ALA A 153 13.10 -24.00 -11.10
N VAL A 154 13.52 -24.59 -9.97
CA VAL A 154 13.94 -25.99 -9.97
C VAL A 154 12.73 -26.90 -10.08
N VAL A 155 11.72 -26.69 -9.24
CA VAL A 155 10.63 -27.66 -9.13
C VAL A 155 9.70 -27.60 -10.34
N GLN A 156 9.45 -26.40 -10.88
CA GLN A 156 8.81 -26.35 -12.19
C GLN A 156 9.69 -26.95 -13.28
N GLN A 157 11.01 -26.91 -13.13
CA GLN A 157 11.88 -27.52 -14.14
C GLN A 157 11.78 -29.04 -14.12
N ILE A 158 11.77 -29.63 -12.91
CA ILE A 158 11.81 -31.09 -12.82
C ILE A 158 10.51 -31.70 -13.34
N ILE A 159 9.37 -31.06 -13.07
CA ILE A 159 8.09 -31.59 -13.54
C ILE A 159 8.01 -31.51 -15.06
N ASN A 160 8.55 -30.44 -15.65
CA ASN A 160 8.61 -30.35 -17.10
C ASN A 160 9.52 -31.43 -17.68
N ALA A 161 10.66 -31.68 -17.04
CA ALA A 161 11.56 -32.73 -17.50
C ALA A 161 11.09 -34.11 -17.11
N GLU A 162 10.09 -34.20 -16.21
CA GLU A 162 9.58 -35.50 -15.78
C GLU A 162 8.75 -36.20 -16.85
N ALA A 163 8.43 -35.52 -17.95
CA ALA A 163 7.65 -36.17 -19.01
C ALA A 163 8.41 -37.35 -19.61
N GLU A 164 9.72 -37.18 -19.85
CA GLU A 164 10.57 -38.23 -20.41
C GLU A 164 10.00 -38.78 -21.71
N VAL A 165 9.50 -37.87 -22.56
CA VAL A 165 8.91 -38.23 -23.85
C VAL A 165 7.77 -39.24 -23.68
N GLU A 166 6.88 -38.97 -22.73
CA GLU A 166 5.74 -39.84 -22.48
C GLU A 166 4.74 -39.80 -23.63
N THR A 230 -1.31 -36.46 -11.60
CA THR A 230 -0.59 -35.20 -11.55
C THR A 230 -0.48 -34.68 -10.13
N LYS A 231 -0.95 -35.48 -9.17
CA LYS A 231 -0.89 -35.08 -7.77
C LYS A 231 0.54 -35.02 -7.25
N LYS A 232 1.47 -35.72 -7.89
CA LYS A 232 2.87 -35.66 -7.46
C LYS A 232 3.45 -34.27 -7.68
N GLY A 233 3.02 -33.59 -8.76
CA GLY A 233 3.58 -32.29 -9.06
C GLY A 233 3.23 -31.23 -8.03
N HIS A 234 1.96 -31.20 -7.59
CA HIS A 234 1.53 -30.14 -6.69
C HIS A 234 2.10 -30.34 -5.28
N VAL A 235 2.20 -31.58 -4.81
CA VAL A 235 2.72 -31.82 -3.47
C VAL A 235 4.22 -31.50 -3.42
N THR A 236 4.93 -31.73 -4.52
CA THR A 236 6.35 -31.42 -4.56
C THR A 236 6.60 -29.93 -4.41
N ARG A 237 5.81 -29.09 -5.11
CA ARG A 237 6.04 -27.65 -5.02
C ARG A 237 5.59 -27.10 -3.68
N LYS A 238 4.58 -27.71 -3.06
CA LYS A 238 4.17 -27.30 -1.72
C LYS A 238 5.27 -27.59 -0.71
N LEU A 239 5.96 -28.73 -0.85
CA LEU A 239 7.04 -29.06 0.06
C LEU A 239 8.20 -28.08 -0.08
N THR A 240 8.73 -27.93 -1.30
CA THR A 240 9.94 -27.13 -1.48
C THR A 240 9.70 -25.66 -1.19
N CYS A 241 8.54 -25.13 -1.57
CA CYS A 241 8.21 -23.75 -1.23
C CYS A 241 8.12 -23.57 0.28
N LEU A 242 7.64 -24.59 0.99
CA LEU A 242 7.58 -24.55 2.44
C LEU A 242 8.95 -24.76 3.08
N CYS A 243 9.89 -25.37 2.36
CA CYS A 243 11.23 -25.57 2.91
C CYS A 243 11.88 -24.24 3.23
N ILE A 244 11.80 -23.28 2.31
CA ILE A 244 12.32 -21.94 2.57
C ILE A 244 11.48 -21.25 3.65
N ALA A 245 10.18 -21.53 3.69
CA ALA A 245 9.33 -20.93 4.72
C ALA A 245 9.79 -21.33 6.12
N TYR A 246 10.14 -22.61 6.30
CA TYR A 246 10.63 -23.10 7.58
C TYR A 246 12.14 -23.04 7.70
N SER A 247 12.84 -22.56 6.66
CA SER A 247 14.28 -22.42 6.75
C SER A 247 14.65 -21.10 7.42
N SER A 248 14.07 -20.85 8.60
CA SER A 248 14.41 -19.69 9.41
C SER A 248 14.93 -20.09 10.79
N THR A 249 15.01 -21.39 11.08
CA THR A 249 15.54 -21.85 12.35
C THR A 249 17.02 -21.50 12.51
N ILE A 250 17.73 -21.27 11.41
CA ILE A 250 19.11 -20.78 11.46
C ILE A 250 19.18 -19.29 11.17
N GLY A 251 18.09 -18.67 10.73
CA GLY A 251 18.07 -17.27 10.37
C GLY A 251 17.89 -16.33 11.53
N GLY A 252 18.96 -16.08 12.29
CA GLY A 252 18.93 -15.20 13.41
C GLY A 252 18.87 -15.88 14.76
N LEU A 253 18.45 -17.15 14.81
CA LEU A 253 18.54 -17.90 16.04
C LEU A 253 19.99 -18.10 16.46
N THR A 254 20.88 -18.32 15.49
CA THR A 254 22.29 -18.59 15.75
C THR A 254 23.16 -17.34 15.76
N THR A 255 22.69 -16.23 15.20
CA THR A 255 23.47 -15.01 15.10
C THR A 255 22.71 -13.85 15.75
N ILE A 256 23.47 -12.96 16.39
CA ILE A 256 22.86 -11.84 17.10
C ILE A 256 22.19 -10.87 16.14
N THR A 257 22.79 -10.68 14.96
CA THR A 257 22.31 -9.71 13.99
C THR A 257 21.47 -10.33 12.87
N GLY A 258 21.10 -11.61 13.00
CA GLY A 258 20.35 -12.26 11.95
C GLY A 258 18.97 -11.64 11.73
N THR A 259 18.26 -11.33 12.81
CA THR A 259 16.95 -10.73 12.72
C THR A 259 16.79 -9.66 13.79
N SER A 260 15.84 -8.76 13.57
CA SER A 260 15.63 -7.66 14.51
C SER A 260 15.08 -8.14 15.84
N THR A 261 14.48 -9.32 15.88
CA THR A 261 13.89 -9.83 17.12
C THR A 261 14.96 -10.03 18.19
N ASN A 262 16.05 -10.72 17.83
CA ASN A 262 17.13 -10.94 18.79
C ASN A 262 17.95 -9.67 19.01
N LEU A 263 17.98 -8.77 18.03
CA LEU A 263 18.67 -7.50 18.21
C LEU A 263 18.03 -6.67 19.32
N ILE A 264 16.70 -6.67 19.37
CA ILE A 264 15.99 -5.93 20.42
C ILE A 264 16.32 -6.51 21.79
N PHE A 265 16.34 -7.84 21.90
CA PHE A 265 16.69 -8.46 23.16
C PHE A 265 18.13 -8.14 23.56
N ALA A 266 19.06 -8.17 22.60
CA ALA A 266 20.45 -7.90 22.91
C ALA A 266 20.67 -6.47 23.39
N GLU A 267 20.05 -5.50 22.71
CA GLU A 267 20.23 -4.11 23.11
C GLU A 267 19.52 -3.81 24.43
N TYR A 268 18.40 -4.47 24.69
CA TYR A 268 17.71 -4.28 25.96
C TYR A 268 18.53 -4.83 27.12
N PHE A 269 19.14 -6.01 26.95
CA PHE A 269 19.91 -6.61 28.03
C PHE A 269 21.13 -5.77 28.38
N ASN A 270 21.80 -5.22 27.36
CA ASN A 270 22.94 -4.35 27.62
C ASN A 270 22.51 -3.08 28.33
N THR A 271 21.35 -2.53 27.96
CA THR A 271 20.88 -1.29 28.56
C THR A 271 20.56 -1.46 30.04
N ARG A 272 19.77 -2.49 30.38
CA ARG A 272 19.33 -2.68 31.76
C ARG A 272 20.36 -3.43 32.60
N TYR A 273 21.23 -4.23 31.97
CA TYR A 273 22.31 -4.93 32.67
C TYR A 273 23.63 -4.55 32.01
N PRO A 274 24.13 -3.34 32.28
CA PRO A 274 25.44 -2.95 31.71
C PRO A 274 26.58 -3.82 32.20
N ASP A 275 26.50 -4.33 33.44
CA ASP A 275 27.59 -5.12 33.98
C ASP A 275 27.78 -6.43 33.22
N CYS A 276 26.68 -7.08 32.84
CA CYS A 276 26.79 -8.36 32.14
C CYS A 276 27.23 -8.15 30.70
N ARG A 277 28.25 -8.90 30.28
CA ARG A 277 28.76 -8.85 28.91
C ARG A 277 28.74 -10.22 28.25
N CYS A 278 27.94 -11.14 28.78
CA CYS A 278 27.87 -12.49 28.19
C CYS A 278 27.29 -12.45 26.78
N LEU A 279 26.28 -11.61 26.56
CA LEU A 279 25.62 -11.51 25.26
C LEU A 279 26.58 -10.85 24.28
N ASN A 280 27.25 -11.66 23.46
CA ASN A 280 28.20 -11.16 22.48
C ASN A 280 28.34 -12.19 21.37
N PHE A 281 28.81 -11.74 20.22
CA PHE A 281 29.06 -12.65 19.10
C PHE A 281 30.13 -13.65 19.48
N GLY A 282 29.89 -14.92 19.15
CA GLY A 282 30.75 -16.01 19.55
C GLY A 282 30.29 -16.75 20.80
N SER A 283 29.45 -16.11 21.61
CA SER A 283 28.82 -16.76 22.77
C SER A 283 27.37 -17.11 22.50
N TRP A 284 26.68 -16.33 21.68
CA TRP A 284 25.33 -16.69 21.26
C TRP A 284 25.38 -17.79 20.20
N PHE A 285 26.41 -17.78 19.35
CA PHE A 285 26.52 -18.78 18.30
C PHE A 285 26.89 -20.15 18.85
N THR A 286 27.77 -20.19 19.86
CA THR A 286 28.32 -21.46 20.31
C THR A 286 27.28 -22.38 20.95
N PHE A 287 26.13 -21.83 21.36
CA PHE A 287 25.08 -22.66 21.95
C PHE A 287 23.85 -22.78 21.06
N SER A 288 23.52 -21.74 20.29
CA SER A 288 22.35 -21.80 19.43
C SER A 288 22.58 -22.66 18.20
N PHE A 289 23.79 -22.61 17.62
CA PHE A 289 24.06 -23.41 16.42
C PHE A 289 23.88 -24.90 16.65
N PRO A 290 24.41 -25.52 17.71
CA PRO A 290 24.09 -26.93 17.94
C PRO A 290 22.60 -27.16 18.18
N ALA A 291 21.93 -26.23 18.85
CA ALA A 291 20.50 -26.37 19.09
C ALA A 291 19.71 -26.17 17.81
N ALA A 292 19.99 -25.09 17.07
CA ALA A 292 19.20 -24.77 15.89
C ALA A 292 19.42 -25.76 14.76
N LEU A 293 20.60 -26.37 14.71
CA LEU A 293 20.86 -27.39 13.69
C LEU A 293 19.94 -28.59 13.89
N ILE A 294 19.55 -28.87 15.14
CA ILE A 294 18.66 -29.99 15.41
C ILE A 294 17.29 -29.76 14.79
N ILE A 295 16.75 -28.54 14.92
CA ILE A 295 15.45 -28.24 14.33
C ILE A 295 15.49 -28.42 12.82
N LEU A 296 16.58 -27.97 12.18
CA LEU A 296 16.68 -28.05 10.73
C LEU A 296 16.63 -29.50 10.25
N LEU A 297 17.30 -30.40 10.97
CA LEU A 297 17.33 -31.80 10.55
C LEU A 297 15.96 -32.46 10.76
N LEU A 298 15.36 -32.27 11.94
CA LEU A 298 14.05 -32.87 12.19
C LEU A 298 12.96 -32.21 11.35
N SER A 299 13.10 -30.92 11.05
CA SER A 299 12.16 -30.28 10.13
C SER A 299 12.24 -30.91 8.75
N TRP A 300 13.45 -31.23 8.29
CA TRP A 300 13.61 -31.94 7.03
C TRP A 300 12.97 -33.31 7.07
N ILE A 301 13.16 -34.03 8.19
CA ILE A 301 12.57 -35.37 8.30
C ILE A 301 11.06 -35.29 8.42
N TRP A 302 10.56 -34.37 9.27
CA TRP A 302 9.12 -34.25 9.46
C TRP A 302 8.41 -33.82 8.17
N LEU A 303 9.00 -32.86 7.45
CA LEU A 303 8.40 -32.42 6.20
C LEU A 303 8.43 -33.53 5.14
N GLN A 304 9.50 -34.34 5.15
CA GLN A 304 9.56 -35.47 4.24
C GLN A 304 8.53 -36.53 4.59
N TRP A 305 8.15 -36.65 5.86
CA TRP A 305 7.12 -37.59 6.24
C TRP A 305 5.73 -37.09 5.84
N LEU A 306 5.48 -35.79 6.06
CA LEU A 306 4.15 -35.25 5.80
C LEU A 306 3.86 -35.19 4.29
N PHE A 307 4.85 -34.77 3.50
CA PHE A 307 4.68 -34.63 2.06
C PHE A 307 5.54 -35.68 1.35
N LEU A 308 4.97 -36.27 0.30
CA LEU A 308 5.59 -37.37 -0.44
C LEU A 308 5.82 -38.57 0.48
N GLY A 309 6.64 -39.52 0.02
CA GLY A 309 6.95 -40.71 0.80
C GLY A 309 8.35 -40.64 1.37
N PHE A 310 8.49 -41.16 2.59
CA PHE A 310 9.76 -41.15 3.31
C PHE A 310 10.24 -42.60 3.42
N ASN A 311 11.18 -42.98 2.55
CA ASN A 311 11.79 -44.30 2.56
C ASN A 311 13.28 -44.15 2.78
N PHE A 312 13.81 -44.87 3.78
CA PHE A 312 15.23 -44.73 4.12
C PHE A 312 16.13 -45.29 3.03
N LYS A 313 15.64 -46.24 2.24
CA LYS A 313 16.47 -46.87 1.21
C LYS A 313 16.59 -46.04 -0.06
N GLU A 314 15.75 -45.02 -0.23
CA GLU A 314 15.78 -44.24 -1.47
C GLU A 314 17.05 -43.40 -1.55
N MET A 315 17.38 -42.68 -0.47
CA MET A 315 18.57 -41.82 -0.49
C MET A 315 19.85 -42.65 -0.58
N PHE A 316 19.92 -43.75 0.17
CA PHE A 316 21.11 -44.59 0.16
C PHE A 316 20.88 -45.84 -0.69
N THR A 323 19.04 -45.15 -12.71
CA THR A 323 18.11 -45.94 -13.50
C THR A 323 17.88 -45.29 -14.87
N VAL A 324 16.99 -45.90 -15.66
CA VAL A 324 16.68 -45.35 -16.98
C VAL A 324 16.02 -43.99 -16.86
N GLN A 325 15.11 -43.83 -15.90
CA GLN A 325 14.46 -42.54 -15.70
C GLN A 325 15.46 -41.48 -15.28
N GLN A 326 16.41 -41.84 -14.40
CA GLN A 326 17.40 -40.86 -13.95
C GLN A 326 18.29 -40.40 -15.09
N LYS A 327 18.75 -41.32 -15.94
CA LYS A 327 19.60 -40.93 -17.05
C LYS A 327 18.80 -40.18 -18.12
N ALA A 328 17.54 -40.55 -18.32
CA ALA A 328 16.69 -39.83 -19.26
C ALA A 328 16.44 -38.40 -18.79
N CYS A 329 16.21 -38.22 -17.48
CA CYS A 329 16.01 -36.89 -16.94
C CYS A 329 17.26 -36.04 -17.09
N ALA A 330 18.44 -36.64 -16.89
CA ALA A 330 19.68 -35.90 -17.05
C ALA A 330 19.87 -35.44 -18.49
N GLU A 331 19.54 -36.30 -19.46
CA GLU A 331 19.74 -35.96 -20.87
C GLU A 331 18.87 -34.78 -21.28
N VAL A 332 17.59 -34.79 -20.88
CA VAL A 332 16.71 -33.70 -21.27
C VAL A 332 17.05 -32.42 -20.52
N ILE A 333 17.55 -32.54 -19.28
CA ILE A 333 17.93 -31.35 -18.52
C ILE A 333 19.14 -30.67 -19.17
N LYS A 334 20.16 -31.45 -19.51
CA LYS A 334 21.35 -30.86 -20.14
C LYS A 334 21.04 -30.38 -21.55
N GLN A 335 20.08 -31.01 -22.23
CA GLN A 335 19.67 -30.53 -23.55
C GLN A 335 19.04 -29.15 -23.46
N GLU A 336 18.22 -28.91 -22.43
CA GLU A 336 17.59 -27.60 -22.27
C GLU A 336 18.62 -26.53 -21.97
N TYR A 337 19.67 -26.87 -21.21
CA TYR A 337 20.70 -25.90 -20.88
C TYR A 337 21.42 -25.40 -22.14
N GLN A 338 21.72 -26.33 -23.06
CA GLN A 338 22.32 -25.91 -24.34
C GLN A 338 21.35 -25.09 -25.17
N LYS A 339 20.05 -25.36 -25.04
CA LYS A 339 19.05 -24.60 -25.79
C LYS A 339 19.03 -23.13 -25.36
N LEU A 340 19.31 -22.84 -24.09
CA LEU A 340 19.36 -21.46 -23.63
C LEU A 340 20.46 -20.68 -24.33
N GLY A 341 21.61 -21.30 -24.51
CA GLY A 341 22.72 -20.68 -25.20
C GLY A 341 23.63 -19.91 -24.28
N PRO A 342 24.42 -19.01 -24.85
CA PRO A 342 25.37 -18.23 -24.03
C PRO A 342 24.66 -17.24 -23.13
N ILE A 343 25.42 -16.76 -22.13
CA ILE A 343 24.88 -15.77 -21.21
C ILE A 343 24.55 -14.48 -21.96
N ARG A 344 23.50 -13.81 -21.53
CA ARG A 344 23.03 -12.58 -22.16
C ARG A 344 23.40 -11.37 -21.30
N TYR A 345 23.36 -10.20 -21.94
CA TYR A 345 23.70 -8.96 -21.25
C TYR A 345 22.72 -8.68 -20.12
N GLN A 346 21.43 -8.91 -20.36
CA GLN A 346 20.43 -8.61 -19.33
C GLN A 346 20.62 -9.47 -18.08
N GLU A 347 20.95 -10.74 -18.27
CA GLU A 347 21.14 -11.63 -17.12
C GLU A 347 22.38 -11.23 -16.32
N ILE A 348 23.44 -10.80 -17.00
CA ILE A 348 24.66 -10.39 -16.30
C ILE A 348 24.40 -9.18 -15.42
N VAL A 349 23.66 -8.20 -15.93
CA VAL A 349 23.35 -7.00 -15.15
C VAL A 349 22.52 -7.37 -13.94
N THR A 350 21.55 -8.28 -14.10
CA THR A 350 20.73 -8.70 -12.97
C THR A 350 21.57 -9.37 -11.89
N LEU A 351 22.52 -10.21 -12.30
CA LEU A 351 23.43 -10.82 -11.33
C LEU A 351 24.27 -9.78 -10.62
N VAL A 352 24.75 -8.77 -11.36
CA VAL A 352 25.59 -7.74 -10.75
C VAL A 352 24.80 -6.98 -9.69
N LEU A 353 23.57 -6.59 -10.01
CA LEU A 353 22.72 -5.92 -9.02
C LEU A 353 22.32 -6.89 -7.91
N PHE A 354 22.22 -8.19 -8.23
CA PHE A 354 21.94 -9.20 -7.22
C PHE A 354 23.06 -9.27 -6.19
N ILE A 355 24.32 -9.29 -6.66
CA ILE A 355 25.46 -9.38 -5.75
C ILE A 355 25.59 -8.11 -4.92
N ILE A 356 25.42 -6.95 -5.56
CA ILE A 356 25.57 -5.67 -4.85
C ILE A 356 24.53 -5.54 -3.75
N MET A 357 23.29 -5.94 -4.03
CA MET A 357 22.23 -5.86 -3.05
C MET A 357 22.56 -6.71 -1.81
N ALA A 358 23.06 -7.93 -2.05
CA ALA A 358 23.42 -8.80 -0.93
C ALA A 358 24.63 -8.25 -0.17
N LEU A 359 25.60 -7.69 -0.89
CA LEU A 359 26.80 -7.18 -0.24
C LEU A 359 26.48 -6.02 0.68
N LEU A 360 25.63 -5.09 0.24
CA LEU A 360 25.26 -3.96 1.07
C LEU A 360 24.47 -4.39 2.30
N TRP A 361 23.57 -5.36 2.16
CA TRP A 361 22.82 -5.87 3.30
C TRP A 361 23.73 -6.53 4.32
N PHE A 362 24.69 -7.33 3.84
CA PHE A 362 25.60 -8.01 4.74
C PHE A 362 26.57 -7.04 5.40
N SER A 363 27.00 -6.01 4.68
CA SER A 363 28.00 -5.07 5.17
C SER A 363 27.42 -3.89 5.91
N ARG A 364 26.10 -3.84 6.11
CA ARG A 364 25.51 -2.73 6.85
C ARG A 364 25.87 -2.80 8.33
N ASP A 365 25.51 -3.90 9.00
CA ASP A 365 25.86 -4.12 10.39
C ASP A 365 26.34 -5.55 10.58
N PRO A 366 27.58 -5.86 10.20
CA PRO A 366 28.09 -7.23 10.41
C PRO A 366 28.11 -7.63 11.87
N GLY A 367 28.33 -6.69 12.78
CA GLY A 367 28.37 -6.97 14.20
C GLY A 367 29.77 -7.15 14.76
N PHE A 368 30.77 -7.40 13.91
CA PHE A 368 32.14 -7.56 14.35
C PHE A 368 33.11 -6.59 13.70
N VAL A 369 32.81 -6.05 12.52
CA VAL A 369 33.54 -4.94 11.93
C VAL A 369 32.51 -3.89 11.53
N PRO A 370 32.72 -2.61 11.87
CA PRO A 370 31.76 -1.58 11.46
C PRO A 370 31.62 -1.50 9.95
N GLY A 371 30.39 -1.31 9.49
CA GLY A 371 30.08 -1.27 8.08
C GLY A 371 29.93 0.15 7.56
N TRP A 372 29.20 0.27 6.45
CA TRP A 372 28.95 1.57 5.84
C TRP A 372 27.99 2.42 6.66
N SER A 373 27.32 1.84 7.66
CA SER A 373 26.50 2.63 8.57
C SER A 373 27.35 3.58 9.40
N ALA A 374 28.63 3.26 9.61
CA ALA A 374 29.52 4.17 10.31
C ALA A 374 29.73 5.46 9.50
N LEU A 375 29.65 5.37 8.18
CA LEU A 375 29.68 6.57 7.35
C LEU A 375 28.48 7.46 7.65
N PHE A 376 27.31 6.86 7.85
CA PHE A 376 26.10 7.58 8.23
C PHE A 376 25.87 7.55 9.73
N SER A 377 26.94 7.53 10.53
CA SER A 377 26.81 7.44 11.97
C SER A 377 26.56 8.80 12.59
N GLU A 378 25.55 9.52 12.07
CA GLU A 378 25.10 10.77 12.65
C GLU A 378 23.63 10.74 13.03
N TYR A 379 22.79 10.13 12.19
CA TYR A 379 21.38 9.91 12.52
C TYR A 379 21.15 8.40 12.53
N PRO A 380 21.18 7.76 13.69
CA PRO A 380 21.15 6.29 13.72
C PRO A 380 19.76 5.73 13.44
N GLY A 381 19.73 4.61 12.71
CA GLY A 381 18.50 3.94 12.38
C GLY A 381 17.71 4.55 11.23
N PHE A 382 18.23 5.61 10.61
CA PHE A 382 17.50 6.25 9.52
C PHE A 382 17.55 5.41 8.25
N ALA A 383 18.71 4.87 7.92
CA ALA A 383 18.91 4.06 6.72
C ALA A 383 18.82 2.59 7.10
N THR A 384 17.66 2.00 6.90
CA THR A 384 17.43 0.60 7.24
C THR A 384 17.73 -0.28 6.03
N ASP A 385 17.36 -1.56 6.12
CA ASP A 385 17.62 -2.49 5.03
C ASP A 385 16.73 -2.22 3.83
N SER A 386 15.55 -1.65 4.05
CA SER A 386 14.63 -1.39 2.94
C SER A 386 15.18 -0.32 1.99
N THR A 387 15.92 0.66 2.52
CA THR A 387 16.52 1.68 1.67
C THR A 387 17.51 1.06 0.70
N VAL A 388 18.27 0.07 1.17
CA VAL A 388 19.18 -0.66 0.29
C VAL A 388 18.40 -1.40 -0.80
N ALA A 389 17.27 -2.01 -0.43
CA ALA A 389 16.45 -2.72 -1.40
C ALA A 389 15.92 -1.76 -2.46
N LEU A 390 15.47 -0.58 -2.04
CA LEU A 390 14.94 0.40 -2.98
C LEU A 390 16.04 0.98 -3.85
N LEU A 391 17.22 1.20 -3.29
CA LEU A 391 18.31 1.82 -4.05
C LEU A 391 18.70 0.94 -5.24
N ILE A 392 18.81 -0.37 -5.02
CA ILE A 392 19.13 -1.27 -6.12
C ILE A 392 17.86 -1.67 -6.87
N GLY A 393 16.72 -1.74 -6.19
CA GLY A 393 15.49 -2.15 -6.85
C GLY A 393 15.03 -1.15 -7.90
N LEU A 394 15.06 0.14 -7.57
CA LEU A 394 14.61 1.16 -8.52
C LEU A 394 15.57 1.32 -9.69
N LEU A 395 16.79 0.80 -9.58
CA LEU A 395 17.73 0.87 -10.69
C LEU A 395 17.29 0.02 -11.87
N PHE A 396 16.38 -0.93 -11.65
CA PHE A 396 15.91 -1.78 -12.74
C PHE A 396 14.98 -1.05 -13.68
N PHE A 397 14.46 0.11 -13.26
CA PHE A 397 13.52 0.87 -14.08
C PHE A 397 14.20 1.86 -15.02
N LEU A 398 15.52 2.03 -14.91
CA LEU A 398 16.22 3.01 -15.73
C LEU A 398 17.47 2.47 -16.41
N ILE A 399 17.83 1.21 -16.19
CA ILE A 399 18.98 0.60 -16.84
C ILE A 399 18.52 0.09 -18.21
N PRO A 400 19.18 0.49 -19.30
CA PRO A 400 18.74 0.05 -20.63
C PRO A 400 18.80 -1.46 -20.78
N ALA A 401 17.82 -2.02 -21.49
CA ALA A 401 17.75 -3.44 -21.77
C ALA A 401 17.89 -3.76 -23.24
N LYS A 402 17.06 -3.16 -24.10
CA LYS A 402 17.13 -3.39 -25.53
C LYS A 402 16.66 -2.14 -26.26
N THR A 403 17.42 -1.75 -27.28
CA THR A 403 17.09 -0.56 -28.06
C THR A 403 15.90 -0.84 -28.97
N LEU A 404 15.05 0.16 -29.15
CA LEU A 404 13.89 0.03 -30.03
C LEU A 404 14.14 0.75 -31.35
N GLU A 412 18.38 -1.11 -39.02
CA GLU A 412 18.33 -0.59 -37.65
C GLU A 412 17.89 0.87 -37.65
N ILE A 413 16.58 1.09 -37.47
CA ILE A 413 16.05 2.44 -37.50
C ILE A 413 16.48 3.22 -36.26
N VAL A 414 16.47 2.57 -35.09
CA VAL A 414 16.70 3.21 -33.80
C VAL A 414 15.72 4.38 -33.71
N ALA A 415 14.43 4.05 -33.59
CA ALA A 415 13.39 5.03 -33.85
C ALA A 415 13.27 6.05 -32.71
N PHE A 416 12.91 5.60 -31.51
CA PHE A 416 12.54 6.51 -30.44
C PHE A 416 13.51 6.49 -29.27
N ASP A 417 13.71 5.33 -28.64
CA ASP A 417 14.51 5.27 -27.42
C ASP A 417 14.75 3.79 -27.07
N TYR A 418 15.32 3.57 -25.90
CA TYR A 418 15.60 2.23 -25.39
C TYR A 418 14.41 1.73 -24.58
N SER A 419 14.59 0.60 -23.90
CA SER A 419 13.63 0.06 -22.96
C SER A 419 14.35 -0.34 -21.67
N PRO A 420 13.72 -0.12 -20.52
CA PRO A 420 14.34 -0.50 -19.26
C PRO A 420 14.33 -2.02 -19.07
N LEU A 421 15.04 -2.46 -18.03
CA LEU A 421 15.10 -3.88 -17.73
C LEU A 421 13.71 -4.43 -17.43
N ILE A 422 12.93 -3.70 -16.62
CA ILE A 422 11.53 -4.02 -16.39
C ILE A 422 10.74 -2.72 -16.41
N THR A 423 9.64 -2.71 -17.17
CA THR A 423 8.71 -1.61 -17.11
C THR A 423 7.74 -1.84 -15.95
N TRP A 424 7.03 -0.77 -15.57
CA TRP A 424 6.12 -0.87 -14.44
C TRP A 424 4.98 -1.85 -14.69
N LYS A 425 4.63 -2.09 -15.96
CA LYS A 425 3.57 -3.04 -16.26
C LYS A 425 3.93 -4.44 -15.80
N GLU A 426 5.19 -4.82 -15.92
CA GLU A 426 5.63 -6.11 -15.49
C GLU A 426 5.88 -6.11 -14.02
N PHE A 427 6.06 -4.95 -13.42
CA PHE A 427 6.19 -4.86 -11.97
C PHE A 427 4.83 -4.86 -11.28
N GLN A 428 3.82 -4.28 -11.91
CA GLN A 428 2.48 -4.30 -11.32
C GLN A 428 1.97 -5.74 -11.18
N SER A 429 2.17 -6.55 -12.22
CA SER A 429 1.97 -7.98 -12.08
C SER A 429 3.12 -8.60 -11.30
N PHE A 430 2.88 -9.80 -10.77
CA PHE A 430 3.88 -10.58 -10.04
C PHE A 430 4.21 -9.91 -8.71
N MET A 431 3.70 -8.69 -8.49
CA MET A 431 3.91 -8.00 -7.22
C MET A 431 2.91 -8.52 -6.20
N PRO A 432 3.36 -9.04 -5.07
CA PRO A 432 2.40 -9.54 -4.08
C PRO A 432 1.60 -8.43 -3.40
N TRP A 433 0.65 -7.85 -4.13
CA TRP A 433 -0.26 -6.89 -3.51
C TRP A 433 -1.11 -7.56 -2.45
N ASP A 434 -1.30 -8.89 -2.55
CA ASP A 434 -1.99 -9.62 -1.50
C ASP A 434 -1.23 -9.53 -0.19
N ILE A 435 0.09 -9.71 -0.24
CA ILE A 435 0.91 -9.74 0.97
C ILE A 435 0.99 -8.35 1.59
N ALA A 436 1.07 -7.30 0.76
CA ALA A 436 1.15 -5.95 1.29
C ALA A 436 -0.08 -5.60 2.12
N ILE A 437 -1.26 -5.96 1.62
CA ILE A 437 -2.48 -5.76 2.40
C ILE A 437 -2.55 -6.73 3.57
N LEU A 438 -2.15 -7.99 3.34
CA LEU A 438 -2.25 -9.00 4.39
C LEU A 438 -1.36 -8.66 5.57
N VAL A 439 -0.07 -8.38 5.32
CA VAL A 439 0.84 -8.03 6.40
C VAL A 439 0.42 -6.72 7.05
N GLY A 440 -0.09 -5.78 6.25
CA GLY A 440 -0.58 -4.54 6.81
C GLY A 440 -1.71 -4.75 7.81
N GLY A 441 -2.60 -5.70 7.52
CA GLY A 441 -3.64 -6.02 8.48
C GLY A 441 -3.10 -6.55 9.79
N GLY A 442 -2.05 -7.37 9.72
CA GLY A 442 -1.42 -7.85 10.94
C GLY A 442 -0.79 -6.74 11.75
N PHE A 443 -0.13 -5.79 11.09
CA PHE A 443 0.46 -4.66 11.79
C PHE A 443 -0.61 -3.79 12.44
N ALA A 444 -1.71 -3.53 11.72
CA ALA A 444 -2.79 -2.71 12.29
C ALA A 444 -3.48 -3.45 13.43
N LEU A 445 -3.70 -4.75 13.29
CA LEU A 445 -4.32 -5.52 14.36
C LEU A 445 -3.44 -5.56 15.60
N ALA A 446 -2.13 -5.72 15.41
CA ALA A 446 -1.21 -5.69 16.55
C ALA A 446 -1.17 -4.32 17.19
N ASP A 447 -1.18 -3.25 16.39
CA ASP A 447 -1.20 -1.90 16.94
C ASP A 447 -2.48 -1.64 17.72
N GLY A 448 -3.61 -2.13 17.21
CA GLY A 448 -4.86 -1.98 17.95
C GLY A 448 -4.84 -2.68 19.28
N CYS A 449 -4.15 -3.82 19.36
CA CYS A 449 -4.03 -4.54 20.63
C CYS A 449 -3.23 -3.73 21.64
N GLU A 450 -2.21 -3.00 21.17
CA GLU A 450 -1.42 -2.18 22.09
C GLU A 450 -2.17 -0.93 22.50
N GLU A 451 -2.92 -0.32 21.57
CA GLU A 451 -3.68 0.88 21.90
C GLU A 451 -4.73 0.61 22.96
N SER A 452 -5.54 -0.44 22.76
CA SER A 452 -6.49 -0.86 23.78
C SER A 452 -5.75 -1.57 24.91
N GLY A 453 -6.37 -1.58 26.08
CA GLY A 453 -5.77 -2.22 27.24
C GLY A 453 -5.89 -3.73 27.22
N LEU A 454 -5.53 -4.36 26.10
CA LEU A 454 -5.60 -5.80 25.95
C LEU A 454 -4.25 -6.47 26.19
N SER A 455 -3.19 -5.97 25.56
CA SER A 455 -1.87 -6.54 25.78
C SER A 455 -1.43 -6.37 27.24
N LYS A 456 -1.70 -5.21 27.82
CA LYS A 456 -1.42 -5.00 29.24
C LYS A 456 -2.25 -5.93 30.11
N TRP A 457 -3.51 -6.16 29.72
CA TRP A 457 -4.36 -7.10 30.45
C TRP A 457 -3.79 -8.50 30.40
N ILE A 458 -3.27 -8.92 29.23
CA ILE A 458 -2.66 -10.24 29.11
C ILE A 458 -1.44 -10.34 30.01
N GLY A 459 -0.60 -9.30 30.03
CA GLY A 459 0.56 -9.31 30.90
C GLY A 459 0.19 -9.31 32.37
N ASN A 460 -0.90 -8.64 32.72
CA ASN A 460 -1.33 -8.58 34.11
C ASN A 460 -1.70 -9.96 34.64
N LYS A 461 -2.38 -10.77 33.80
CA LYS A 461 -2.77 -12.11 34.24
C LYS A 461 -1.56 -13.01 34.45
N LEU A 462 -0.45 -12.73 33.77
CA LEU A 462 0.77 -13.51 33.93
C LEU A 462 1.50 -13.21 35.22
N SER A 463 1.26 -12.06 35.84
CA SER A 463 2.00 -11.68 37.05
C SER A 463 1.84 -12.67 38.19
N PRO A 464 0.64 -13.14 38.56
CA PRO A 464 0.57 -14.10 39.70
C PRO A 464 0.99 -15.50 39.27
N LEU A 465 2.28 -15.66 38.97
CA LEU A 465 2.82 -16.96 38.58
C LEU A 465 4.17 -17.24 39.22
N GLY A 466 4.55 -16.48 40.25
CA GLY A 466 5.86 -16.65 40.87
C GLY A 466 5.96 -17.88 41.75
N SER A 467 4.83 -18.47 42.13
CA SER A 467 4.87 -19.63 43.02
C SER A 467 5.33 -20.91 42.31
N LEU A 468 5.36 -20.91 40.98
CA LEU A 468 5.76 -22.10 40.26
C LEU A 468 7.26 -22.35 40.45
N PRO A 469 7.67 -23.63 40.49
CA PRO A 469 9.06 -23.95 40.88
C PRO A 469 10.13 -23.35 39.99
N ALA A 470 10.12 -23.71 38.70
CA ALA A 470 11.20 -23.29 37.80
C ALA A 470 10.90 -23.68 36.35
N TRP A 471 10.95 -24.98 36.06
CA TRP A 471 10.77 -25.43 34.67
C TRP A 471 9.40 -25.05 34.13
N LEU A 472 8.37 -25.17 34.96
CA LEU A 472 7.07 -24.61 34.62
C LEU A 472 7.14 -23.10 34.84
N ILE A 473 6.58 -22.35 33.89
CA ILE A 473 6.74 -20.91 33.61
C ILE A 473 7.51 -20.82 32.30
N ILE A 474 8.68 -21.47 32.25
CA ILE A 474 9.45 -21.52 31.02
C ILE A 474 8.65 -22.22 29.93
N LEU A 475 8.06 -23.38 30.26
CA LEU A 475 7.16 -24.04 29.32
C LEU A 475 5.90 -23.23 29.11
N ILE A 476 5.37 -22.63 30.18
CA ILE A 476 4.15 -21.83 30.06
C ILE A 476 4.39 -20.63 29.16
N SER A 477 5.50 -19.92 29.37
CA SER A 477 5.81 -18.76 28.54
C SER A 477 6.08 -19.16 27.11
N SER A 478 6.85 -20.23 26.89
CA SER A 478 7.23 -20.61 25.54
C SER A 478 6.01 -20.95 24.69
N LEU A 479 5.09 -21.75 25.23
CA LEU A 479 3.85 -22.02 24.52
C LEU A 479 3.01 -20.75 24.39
N MET A 480 3.06 -19.88 25.41
CA MET A 480 2.36 -18.61 25.33
C MET A 480 3.03 -17.66 24.34
N VAL A 481 4.36 -17.67 24.29
CA VAL A 481 5.09 -16.81 23.35
C VAL A 481 4.77 -17.22 21.91
N THR A 482 4.83 -18.51 21.60
CA THR A 482 4.55 -18.97 20.25
C THR A 482 3.08 -18.89 19.88
N SER A 483 2.20 -18.60 20.84
CA SER A 483 0.78 -18.45 20.55
C SER A 483 0.38 -17.02 20.29
N LEU A 484 0.92 -16.07 21.05
CA LEU A 484 0.57 -14.66 20.87
C LEU A 484 1.40 -13.98 19.77
N THR A 485 2.44 -14.63 19.27
CA THR A 485 3.16 -14.11 18.11
C THR A 485 2.48 -14.51 16.80
N GLU A 486 1.40 -15.30 16.86
CA GLU A 486 0.71 -15.71 15.64
C GLU A 486 -0.06 -14.54 15.02
N VAL A 487 -0.57 -13.64 15.86
CA VAL A 487 -1.36 -12.50 15.39
C VAL A 487 -0.61 -11.19 15.54
N ALA A 488 0.66 -11.23 15.94
CA ALA A 488 1.45 -10.02 16.13
C ALA A 488 2.83 -10.23 15.53
N SER A 489 3.45 -9.12 15.14
CA SER A 489 4.81 -9.19 14.59
C SER A 489 5.80 -9.58 15.68
N ASN A 490 6.90 -10.19 15.25
CA ASN A 490 7.91 -10.66 16.21
C ASN A 490 8.51 -9.53 17.02
N PRO A 491 8.95 -8.40 16.45
CA PRO A 491 9.47 -7.31 17.30
C PRO A 491 8.45 -6.78 18.30
N ALA A 492 7.17 -6.73 17.92
CA ALA A 492 6.14 -6.27 18.84
C ALA A 492 5.93 -7.27 19.98
N THR A 493 5.95 -8.56 19.67
CA THR A 493 5.68 -9.57 20.68
C THR A 493 6.77 -9.60 21.74
N ILE A 494 8.03 -9.57 21.31
CA ILE A 494 9.14 -9.62 22.27
C ILE A 494 9.17 -8.36 23.13
N THR A 495 8.96 -7.19 22.52
CA THR A 495 8.99 -5.94 23.26
C THR A 495 7.87 -5.89 24.30
N LEU A 496 6.74 -6.54 24.00
CA LEU A 496 5.69 -6.53 24.96
C LEU A 496 6.11 -7.42 26.06
N PHE A 497 6.35 -8.70 25.78
CA PHE A 497 6.66 -9.68 26.85
C PHE A 497 7.91 -9.40 27.64
N LEU A 498 8.94 -8.83 27.05
CA LEU A 498 10.18 -8.71 27.78
C LEU A 498 10.01 -7.92 29.04
N PRO A 499 9.30 -6.79 28.99
CA PRO A 499 9.08 -6.18 30.29
C PRO A 499 8.21 -7.04 31.20
N ILE A 500 7.22 -7.73 30.69
CA ILE A 500 6.45 -8.53 31.59
C ILE A 500 7.30 -9.59 32.19
N LEU A 501 8.06 -10.30 31.36
CA LEU A 501 8.94 -11.37 31.85
C LEU A 501 10.19 -11.04 32.63
N SER A 502 10.92 -10.02 32.25
CA SER A 502 12.17 -9.78 32.96
C SER A 502 11.97 -9.46 34.42
N PRO A 503 10.98 -8.62 34.73
CA PRO A 503 10.79 -8.46 36.15
C PRO A 503 10.40 -9.76 36.87
N LEU A 504 9.60 -10.63 36.26
CA LEU A 504 9.18 -11.83 36.96
C LEU A 504 10.44 -12.55 37.33
N ALA A 505 11.42 -12.50 36.45
CA ALA A 505 12.68 -13.21 36.69
C ALA A 505 13.40 -12.69 37.89
N GLU A 506 13.58 -11.39 37.94
CA GLU A 506 14.32 -10.82 39.02
C GLU A 506 13.64 -11.08 40.34
N ALA A 507 12.32 -11.07 40.34
CA ALA A 507 11.61 -11.22 41.60
C ALA A 507 11.92 -12.54 42.26
N ILE A 508 11.93 -13.61 41.47
CA ILE A 508 12.29 -14.91 42.01
C ILE A 508 13.79 -14.87 42.02
N HIS A 509 14.42 -15.70 42.82
CA HIS A 509 15.86 -15.72 42.75
C HIS A 509 16.24 -16.64 41.60
N VAL A 510 16.23 -16.14 40.36
CA VAL A 510 16.65 -16.93 39.20
C VAL A 510 17.52 -16.04 38.36
N ASN A 511 18.32 -16.64 37.48
CA ASN A 511 19.10 -15.83 36.57
C ASN A 511 18.02 -15.18 35.74
N PRO A 512 18.07 -13.86 35.53
CA PRO A 512 17.00 -13.31 34.71
C PRO A 512 17.14 -13.92 33.38
N LEU A 513 18.37 -14.21 33.00
CA LEU A 513 18.59 -14.84 31.75
C LEU A 513 17.90 -16.17 31.64
N TYR A 514 17.78 -16.93 32.73
CA TYR A 514 17.20 -18.25 32.49
C TYR A 514 15.83 -18.17 31.83
N ILE A 515 15.11 -17.07 32.01
CA ILE A 515 13.78 -16.91 31.45
C ILE A 515 13.81 -16.20 30.10
N LEU A 516 14.74 -15.25 29.94
CA LEU A 516 14.77 -14.44 28.73
C LEU A 516 15.13 -15.26 27.50
N ILE A 517 16.14 -16.14 27.61
CA ILE A 517 16.59 -16.89 26.44
C ILE A 517 15.50 -17.77 25.85
N PRO A 518 14.79 -18.61 26.62
CA PRO A 518 13.69 -19.38 26.00
C PRO A 518 12.61 -18.50 25.42
N SER A 519 12.33 -17.37 26.05
CA SER A 519 11.29 -16.47 25.54
C SER A 519 11.71 -15.82 24.24
N THR A 520 12.93 -15.27 24.18
CA THR A 520 13.36 -14.54 23.00
C THR A 520 13.62 -15.49 21.84
N LEU A 521 14.03 -16.72 22.13
CA LEU A 521 14.29 -17.69 21.06
C LEU A 521 12.99 -18.24 20.49
N CYS A 522 11.95 -18.35 21.33
CA CYS A 522 10.67 -18.90 20.90
C CYS A 522 9.83 -17.88 20.15
N THR A 523 10.16 -16.60 20.21
CA THR A 523 9.43 -15.60 19.44
C THR A 523 9.55 -15.86 17.94
N SER A 524 10.73 -16.26 17.48
CA SER A 524 10.95 -16.52 16.06
C SER A 524 10.15 -17.71 15.55
N PHE A 525 9.76 -18.64 16.43
CA PHE A 525 9.02 -19.82 16.03
C PHE A 525 7.57 -19.42 15.75
N ALA A 526 7.33 -18.95 14.53
CA ALA A 526 5.99 -18.54 14.07
C ALA A 526 5.75 -19.21 12.72
N PHE A 527 5.20 -20.42 12.74
CA PHE A 527 5.00 -21.21 11.53
C PHE A 527 3.54 -21.41 11.19
N LEU A 528 2.62 -20.80 11.92
CA LEU A 528 1.18 -20.93 11.70
C LEU A 528 0.63 -19.63 11.14
N LEU A 529 -0.18 -19.73 10.08
CA LEU A 529 -0.94 -18.61 9.54
C LEU A 529 -0.03 -17.54 8.93
N PRO A 530 -0.59 -16.61 8.14
CA PRO A 530 0.21 -15.46 7.71
C PRO A 530 0.45 -14.48 8.85
N VAL A 531 0.99 -13.31 8.52
CA VAL A 531 1.18 -12.12 9.38
C VAL A 531 2.04 -12.43 10.60
N ALA A 532 2.01 -13.68 11.07
CA ALA A 532 2.87 -14.06 12.20
C ALA A 532 4.34 -13.86 11.86
N ASN A 533 4.75 -14.28 10.67
CA ASN A 533 6.12 -14.07 10.21
C ASN A 533 6.09 -13.65 8.75
N PRO A 534 6.66 -12.50 8.41
CA PRO A 534 6.65 -12.04 7.01
C PRO A 534 7.33 -13.00 6.06
N PRO A 535 8.35 -13.78 6.50
CA PRO A 535 8.83 -14.85 5.61
C PRO A 535 7.74 -15.83 5.20
N ASN A 536 6.80 -16.15 6.09
CA ASN A 536 5.68 -16.98 5.70
C ASN A 536 4.80 -16.27 4.68
N ALA A 537 4.63 -14.95 4.83
CA ALA A 537 3.78 -14.20 3.92
C ALA A 537 4.31 -14.25 2.49
N ILE A 538 5.63 -14.14 2.32
CA ILE A 538 6.22 -14.18 0.98
C ILE A 538 5.89 -15.50 0.30
N VAL A 539 5.77 -16.58 1.08
CA VAL A 539 5.41 -17.88 0.53
C VAL A 539 4.01 -17.85 -0.06
N PHE A 540 3.08 -17.17 0.63
CA PHE A 540 1.71 -17.08 0.14
C PHE A 540 1.62 -16.39 -1.21
N SER A 541 2.65 -15.64 -1.60
CA SER A 541 2.57 -14.81 -2.80
C SER A 541 2.60 -15.62 -4.09
N TYR A 542 2.97 -16.91 -4.03
CA TYR A 542 3.15 -17.70 -5.25
C TYR A 542 1.95 -18.56 -5.60
N GLY A 543 0.84 -18.44 -4.87
CA GLY A 543 -0.39 -19.12 -5.21
C GLY A 543 -0.65 -20.40 -4.47
N HIS A 544 0.39 -21.06 -3.95
CA HIS A 544 0.24 -22.27 -3.13
C HIS A 544 0.08 -21.84 -1.67
N LEU A 545 -1.05 -21.17 -1.41
CA LEU A 545 -1.28 -20.47 -0.16
C LEU A 545 -2.27 -21.20 0.75
N LYS A 546 -2.42 -22.52 0.57
CA LYS A 546 -3.30 -23.30 1.43
C LYS A 546 -2.84 -23.23 2.88
N VAL A 547 -3.64 -22.60 3.73
CA VAL A 547 -3.28 -22.44 5.13
C VAL A 547 -3.31 -23.77 5.88
N ILE A 548 -4.22 -24.67 5.50
CA ILE A 548 -4.36 -25.92 6.25
C ILE A 548 -3.12 -26.78 6.10
N ASP A 549 -2.39 -26.66 5.00
CA ASP A 549 -1.21 -27.49 4.80
C ASP A 549 -0.08 -27.07 5.73
N MET A 550 0.14 -25.76 5.87
CA MET A 550 1.22 -25.27 6.73
C MET A 550 0.83 -25.28 8.21
N VAL A 551 -0.47 -25.17 8.51
CA VAL A 551 -0.91 -25.35 9.89
C VAL A 551 -0.61 -26.77 10.37
N LYS A 552 -0.91 -27.75 9.51
CA LYS A 552 -0.58 -29.13 9.84
C LYS A 552 0.93 -29.32 9.95
N ALA A 553 1.68 -28.71 9.03
CA ALA A 553 3.14 -28.80 9.10
C ALA A 553 3.70 -27.94 10.23
N GLY A 554 3.05 -26.80 10.51
CA GLY A 554 3.55 -25.91 11.54
C GLY A 554 3.54 -26.52 12.93
N LEU A 555 2.48 -27.25 13.27
CA LEU A 555 2.42 -27.89 14.58
C LEU A 555 3.57 -28.87 14.76
N GLY A 556 3.86 -29.66 13.72
CA GLY A 556 4.99 -30.58 13.79
C GLY A 556 6.31 -29.84 13.99
N VAL A 557 6.51 -28.76 13.25
CA VAL A 557 7.76 -27.99 13.39
C VAL A 557 7.78 -27.25 14.72
N ASN A 558 6.64 -26.65 15.12
CA ASN A 558 6.61 -25.88 16.35
C ASN A 558 6.87 -26.76 17.57
N ILE A 559 6.25 -27.95 17.61
CA ILE A 559 6.53 -28.87 18.70
C ILE A 559 7.98 -29.31 18.68
N VAL A 560 8.49 -29.62 17.48
CA VAL A 560 9.91 -29.96 17.35
C VAL A 560 10.78 -28.78 17.74
N GLY A 561 10.41 -27.58 17.27
CA GLY A 561 11.20 -26.40 17.60
C GLY A 561 11.21 -26.09 19.08
N VAL A 562 10.05 -26.20 19.73
CA VAL A 562 9.98 -25.93 21.16
C VAL A 562 10.71 -27.01 21.96
N ALA A 563 10.48 -28.28 21.61
CA ALA A 563 11.05 -29.37 22.39
C ALA A 563 12.58 -29.34 22.39
N VAL A 564 13.18 -29.03 21.24
CA VAL A 564 14.63 -28.94 21.17
C VAL A 564 15.13 -27.78 22.02
N VAL A 565 14.39 -26.68 22.06
CA VAL A 565 14.79 -25.53 22.86
C VAL A 565 14.81 -25.91 24.34
N MET A 566 13.75 -26.57 24.83
CA MET A 566 13.72 -26.99 26.23
C MET A 566 14.83 -27.98 26.53
N LEU A 567 15.12 -28.89 25.60
CA LEU A 567 16.24 -29.80 25.77
C LEU A 567 17.55 -29.04 25.86
N GLY A 568 17.71 -28.00 25.03
CA GLY A 568 18.92 -27.19 25.09
C GLY A 568 19.06 -26.43 26.39
N ILE A 569 17.96 -25.86 26.89
CA ILE A 569 18.02 -25.06 28.11
C ILE A 569 18.47 -25.91 29.28
N CYS A 570 17.86 -27.08 29.46
CA CYS A 570 18.11 -27.89 30.65
C CYS A 570 19.45 -28.62 30.60
N THR A 571 19.91 -29.02 29.41
CA THR A 571 21.11 -29.86 29.30
C THR A 571 22.36 -29.06 28.90
N TRP A 572 22.32 -28.36 27.78
CA TRP A 572 23.53 -27.82 27.17
C TRP A 572 23.79 -26.35 27.48
N ILE A 573 22.75 -25.56 27.76
CA ILE A 573 22.94 -24.11 27.88
C ILE A 573 23.31 -23.74 29.32
N VAL A 574 23.03 -24.62 30.28
CA VAL A 574 23.33 -24.30 31.69
C VAL A 574 24.83 -24.06 31.95
N PRO A 575 25.75 -24.95 31.55
CA PRO A 575 27.09 -24.90 32.16
C PRO A 575 27.88 -23.61 31.95
N MET A 576 27.74 -22.95 30.80
CA MET A 576 28.66 -21.83 30.51
C MET A 576 28.15 -20.51 31.08
N PHE A 577 26.83 -20.30 31.09
CA PHE A 577 26.26 -19.11 31.72
C PHE A 577 25.81 -19.36 33.15
N ASP A 578 26.01 -20.57 33.69
CA ASP A 578 25.67 -20.90 35.07
C ASP A 578 24.20 -20.59 35.37
N LEU A 579 23.32 -21.32 34.68
CA LEU A 579 21.89 -21.01 34.74
C LEU A 579 21.27 -21.34 36.09
N TYR A 580 21.85 -22.27 36.84
CA TYR A 580 21.31 -22.57 38.16
C TYR A 580 21.69 -21.51 39.20
N THR A 581 22.88 -20.94 39.09
CA THR A 581 23.36 -20.00 40.08
C THR A 581 22.82 -18.59 39.82
N TYR A 582 22.70 -17.82 40.89
CA TYR A 582 22.26 -16.43 40.77
C TYR A 582 23.43 -15.57 40.30
N PRO A 583 23.28 -14.85 39.18
CA PRO A 583 24.40 -14.07 38.65
C PRO A 583 24.74 -12.89 39.55
N LYS B 2 26.09 9.89 -35.81
CA LYS B 2 26.34 8.66 -35.07
C LYS B 2 26.41 8.92 -33.57
N PHE B 3 27.42 9.69 -33.16
CA PHE B 3 27.56 10.04 -31.75
C PHE B 3 26.37 10.86 -31.26
N PHE B 4 25.91 11.81 -32.07
CA PHE B 4 24.75 12.59 -31.70
C PHE B 4 23.49 11.75 -31.65
N SER B 5 23.39 10.74 -32.53
CA SER B 5 22.25 9.83 -32.51
C SER B 5 22.23 8.99 -31.24
N TYR B 6 23.40 8.55 -30.78
CA TYR B 6 23.47 7.73 -29.58
C TYR B 6 23.01 8.49 -28.35
N ILE B 7 23.21 9.80 -28.32
CA ILE B 7 22.69 10.61 -27.22
C ILE B 7 21.16 10.67 -27.28
N LEU B 8 20.61 10.75 -28.50
CA LEU B 8 19.17 10.94 -28.64
C LEU B 8 18.39 9.69 -28.24
N VAL B 9 18.95 8.50 -28.48
CA VAL B 9 18.22 7.28 -28.16
C VAL B 9 18.15 7.08 -26.64
N TYR B 10 19.24 7.37 -25.94
CA TYR B 10 19.28 7.26 -24.48
C TYR B 10 18.99 8.60 -23.83
N ARG B 11 17.86 9.20 -24.22
CA ARG B 11 17.49 10.50 -23.66
C ARG B 11 17.15 10.39 -22.18
N ARG B 12 16.37 9.36 -21.81
CA ARG B 12 15.92 9.25 -20.42
C ARG B 12 17.08 8.91 -19.49
N PHE B 13 17.95 7.99 -19.90
CA PHE B 13 19.05 7.59 -19.04
C PHE B 13 20.00 8.75 -18.77
N LEU B 14 20.36 9.51 -19.80
CA LEU B 14 21.26 10.64 -19.62
C LEU B 14 20.58 11.76 -18.84
N PHE B 15 19.30 11.99 -19.10
CA PHE B 15 18.59 13.07 -18.41
C PHE B 15 18.49 12.80 -16.91
N VAL B 16 18.21 11.56 -16.53
CA VAL B 16 18.09 11.22 -15.10
C VAL B 16 19.43 11.45 -14.41
N VAL B 17 20.52 11.02 -15.02
CA VAL B 17 21.84 11.24 -14.45
C VAL B 17 22.16 12.74 -14.43
N PHE B 18 21.84 13.44 -15.53
CA PHE B 18 22.21 14.85 -15.63
C PHE B 18 21.53 15.70 -14.56
N THR B 19 20.23 15.46 -14.33
CA THR B 19 19.51 16.31 -13.38
C THR B 19 19.94 16.04 -11.95
N VAL B 20 20.36 14.81 -11.65
CA VAL B 20 20.83 14.50 -10.30
C VAL B 20 22.14 15.20 -10.00
N LEU B 21 23.08 15.15 -10.96
CA LEU B 21 24.39 15.77 -10.76
C LEU B 21 24.35 17.29 -10.88
N VAL B 22 23.49 17.85 -11.73
CA VAL B 22 23.44 19.30 -11.85
C VAL B 22 22.73 19.92 -10.65
N LEU B 23 21.82 19.18 -10.01
CA LEU B 23 21.23 19.59 -8.76
C LEU B 23 22.02 19.13 -7.55
N LEU B 24 23.06 18.31 -7.76
CA LEU B 24 23.87 17.82 -6.65
C LEU B 24 24.60 18.90 -5.85
N PRO B 25 25.02 20.03 -6.43
CA PRO B 25 25.63 21.07 -5.58
C PRO B 25 24.70 21.64 -4.52
N LEU B 26 23.38 21.54 -4.71
CA LEU B 26 22.45 22.13 -3.75
C LEU B 26 22.57 21.53 -2.34
N PRO B 27 22.62 20.21 -2.15
CA PRO B 27 22.80 19.70 -0.78
C PRO B 27 24.14 20.06 -0.15
N ILE B 28 25.25 19.79 -0.83
CA ILE B 28 26.57 20.01 -0.22
C ILE B 28 26.78 21.49 0.09
N VAL B 29 26.46 22.36 -0.86
CA VAL B 29 26.51 23.80 -0.57
C VAL B 29 25.33 24.16 0.34
N LEU B 30 25.43 25.33 0.97
CA LEU B 30 24.48 25.85 1.96
C LEU B 30 24.60 25.14 3.30
N HIS B 31 25.74 24.49 3.57
CA HIS B 31 26.06 23.88 4.85
C HIS B 31 25.11 22.75 5.22
N THR B 32 24.35 22.23 4.25
CA THR B 32 23.46 21.08 4.44
C THR B 32 22.49 21.32 5.59
N LYS B 33 21.63 22.33 5.42
CA LYS B 33 20.65 22.69 6.42
C LYS B 33 19.23 22.36 6.01
N GLU B 34 18.74 22.91 4.88
CA GLU B 34 17.42 22.57 4.38
C GLU B 34 17.39 22.38 2.88
N ALA B 35 18.50 22.59 2.17
CA ALA B 35 18.51 22.37 0.73
C ALA B 35 18.35 20.90 0.36
N GLU B 36 18.62 19.99 1.29
CA GLU B 36 18.45 18.57 1.01
C GLU B 36 16.98 18.25 0.72
N CYS B 37 16.06 18.83 1.49
CA CYS B 37 14.65 18.64 1.21
C CYS B 37 14.26 19.36 -0.08
N ALA B 38 14.80 20.56 -0.30
CA ALA B 38 14.51 21.28 -1.54
C ALA B 38 15.07 20.54 -2.74
N TYR B 39 16.28 19.98 -2.62
CA TYR B 39 16.85 19.19 -3.70
C TYR B 39 16.01 17.95 -3.99
N THR B 40 15.55 17.28 -2.93
CA THR B 40 14.67 16.13 -3.11
C THR B 40 13.35 16.54 -3.76
N LEU B 41 12.79 17.68 -3.33
CA LEU B 41 11.55 18.16 -3.91
C LEU B 41 11.71 18.49 -5.39
N PHE B 42 12.83 19.13 -5.75
CA PHE B 42 13.03 19.56 -7.13
C PHE B 42 13.23 18.37 -8.06
N VAL B 43 14.02 17.38 -7.63
CA VAL B 43 14.32 16.25 -8.51
C VAL B 43 13.08 15.40 -8.72
N VAL B 44 12.25 15.24 -7.68
CA VAL B 44 11.01 14.49 -7.83
C VAL B 44 10.04 15.25 -8.75
N ALA B 45 9.94 16.57 -8.56
CA ALA B 45 9.07 17.37 -9.42
C ALA B 45 9.54 17.35 -10.86
N THR B 46 10.86 17.36 -11.08
CA THR B 46 11.39 17.30 -12.44
C THR B 46 11.00 16.00 -13.12
N PHE B 47 11.07 14.88 -12.40
CA PHE B 47 10.67 13.60 -12.97
C PHE B 47 9.15 13.48 -13.12
N TRP B 48 8.39 14.34 -12.44
CA TRP B 48 6.93 14.30 -12.59
C TRP B 48 6.46 15.11 -13.78
N LEU B 49 7.10 16.25 -14.04
CA LEU B 49 6.73 17.07 -15.19
C LEU B 49 6.99 16.32 -16.49
N THR B 50 8.19 15.79 -16.66
CA THR B 50 8.57 15.01 -17.83
C THR B 50 8.86 13.58 -17.41
N GLU B 51 8.37 12.62 -18.20
CA GLU B 51 8.41 11.20 -17.83
C GLU B 51 9.82 10.65 -18.07
N ALA B 52 10.75 11.09 -17.23
CA ALA B 52 12.07 10.46 -17.22
C ALA B 52 12.03 9.10 -16.55
N LEU B 53 11.14 8.92 -15.58
CA LEU B 53 10.88 7.66 -14.90
C LEU B 53 9.37 7.51 -14.76
N PRO B 54 8.88 6.29 -14.55
CA PRO B 54 7.45 6.10 -14.33
C PRO B 54 6.98 6.88 -13.11
N LEU B 55 5.72 7.32 -13.17
CA LEU B 55 5.19 8.20 -12.13
C LEU B 55 5.23 7.52 -10.76
N SER B 56 4.88 6.23 -10.70
CA SER B 56 4.92 5.52 -9.43
C SER B 56 6.34 5.29 -8.95
N VAL B 57 7.29 5.11 -9.87
CA VAL B 57 8.68 4.95 -9.48
C VAL B 57 9.22 6.22 -8.82
N THR B 58 8.89 7.38 -9.39
CA THR B 58 9.32 8.64 -8.80
C THR B 58 8.73 8.84 -7.41
N ALA B 59 7.52 8.32 -7.18
CA ALA B 59 6.91 8.43 -5.86
C ALA B 59 7.68 7.66 -4.79
N LEU B 60 8.50 6.69 -5.20
CA LEU B 60 9.33 5.95 -4.25
C LEU B 60 10.68 6.61 -4.01
N LEU B 61 11.01 7.67 -4.76
CA LEU B 61 12.25 8.39 -4.49
C LEU B 61 12.32 9.01 -3.09
N PRO B 62 11.25 9.62 -2.54
CA PRO B 62 11.34 10.12 -1.16
C PRO B 62 11.73 9.06 -0.15
N SER B 63 11.34 7.79 -0.38
CA SER B 63 11.76 6.72 0.52
C SER B 63 13.26 6.49 0.45
N LEU B 64 13.94 7.01 -0.57
CA LEU B 64 15.39 6.89 -0.69
C LEU B 64 16.11 8.12 -0.14
N MET B 65 15.72 9.31 -0.61
CA MET B 65 16.50 10.52 -0.33
C MET B 65 16.32 10.97 1.11
N LEU B 66 15.08 10.93 1.62
CA LEU B 66 14.84 11.38 2.98
C LEU B 66 15.61 10.59 4.03
N PRO B 67 15.65 9.25 4.01
CA PRO B 67 16.48 8.56 5.00
C PRO B 67 17.97 8.81 4.82
N MET B 68 18.47 8.78 3.59
CA MET B 68 19.89 9.03 3.37
C MET B 68 20.26 10.45 3.76
N PHE B 69 19.43 11.44 3.42
CA PHE B 69 19.69 12.81 3.83
C PHE B 69 19.47 13.02 5.32
N GLY B 70 18.78 12.10 5.99
CA GLY B 70 18.54 12.20 7.41
C GLY B 70 17.41 13.12 7.81
N ILE B 71 16.54 13.50 6.87
CA ILE B 71 15.42 14.38 7.21
C ILE B 71 14.45 13.68 8.15
N MET B 72 14.14 12.41 7.88
CA MET B 72 13.23 11.64 8.71
C MET B 72 13.56 10.17 8.55
N PRO B 73 13.32 9.35 9.58
CA PRO B 73 13.68 7.93 9.48
C PRO B 73 12.85 7.21 8.43
N SER B 74 13.42 6.11 7.91
CA SER B 74 12.73 5.33 6.89
C SER B 74 11.44 4.72 7.42
N LYS B 75 11.36 4.46 8.73
CA LYS B 75 10.13 3.93 9.31
C LYS B 75 8.98 4.92 9.18
N LYS B 76 9.26 6.20 9.39
CA LYS B 76 8.21 7.21 9.30
C LYS B 76 7.84 7.49 7.84
N VAL B 77 8.78 7.32 6.92
CA VAL B 77 8.49 7.55 5.50
C VAL B 77 7.43 6.58 5.01
N ALA B 78 7.58 5.30 5.36
CA ALA B 78 6.64 4.28 4.91
C ALA B 78 5.25 4.51 5.50
N SER B 79 5.18 4.94 6.76
CA SER B 79 3.89 5.16 7.39
C SER B 79 3.09 6.25 6.68
N ALA B 80 3.77 7.18 6.01
CA ALA B 80 3.08 8.24 5.28
C ALA B 80 2.62 7.81 3.89
N TYR B 81 3.03 6.63 3.42
CA TYR B 81 2.67 6.21 2.08
C TYR B 81 1.20 5.78 2.00
N PHE B 82 0.70 5.12 3.04
CA PHE B 82 -0.67 4.64 3.06
C PHE B 82 -1.44 5.47 4.09
N LYS B 83 -2.52 6.12 3.66
CA LYS B 83 -3.22 7.07 4.51
C LYS B 83 -4.72 6.88 4.33
N ASP B 84 -5.49 7.84 4.85
CA ASP B 84 -6.94 7.72 4.88
C ASP B 84 -7.52 7.68 3.47
N PHE B 85 -6.87 8.37 2.52
CA PHE B 85 -7.35 8.36 1.14
C PHE B 85 -7.30 6.96 0.53
N HIS B 86 -6.26 6.18 0.86
CA HIS B 86 -6.09 4.87 0.26
C HIS B 86 -7.21 3.91 0.69
N LEU B 87 -7.64 3.98 1.94
CA LEU B 87 -8.77 3.16 2.37
C LEU B 87 -10.03 3.56 1.63
N LEU B 88 -10.21 4.85 1.36
CA LEU B 88 -11.33 5.29 0.55
C LEU B 88 -11.23 4.74 -0.87
N LEU B 89 -10.01 4.72 -1.43
CA LEU B 89 -9.82 4.21 -2.78
C LEU B 89 -10.16 2.73 -2.87
N ILE B 90 -9.74 1.95 -1.87
CA ILE B 90 -9.97 0.50 -1.90
C ILE B 90 -11.47 0.20 -1.87
N GLY B 91 -12.20 0.90 -0.99
CA GLY B 91 -13.63 0.65 -0.88
C GLY B 91 -14.39 0.97 -2.15
N VAL B 92 -14.04 2.07 -2.81
CA VAL B 92 -14.74 2.47 -4.03
C VAL B 92 -14.41 1.52 -5.17
N ILE B 93 -13.15 1.08 -5.26
CA ILE B 93 -12.74 0.18 -6.33
C ILE B 93 -13.49 -1.15 -6.25
N CYS B 94 -13.83 -1.59 -5.03
CA CYS B 94 -14.67 -2.78 -4.90
C CYS B 94 -16.00 -2.59 -5.60
N LEU B 95 -16.62 -1.42 -5.42
CA LEU B 95 -17.86 -1.12 -6.15
C LEU B 95 -17.59 -0.91 -7.63
N ALA B 96 -16.47 -0.26 -7.97
CA ALA B 96 -16.15 -0.01 -9.37
C ALA B 96 -15.90 -1.32 -10.12
N THR B 97 -15.22 -2.27 -9.48
CA THR B 97 -14.99 -3.56 -10.12
C THR B 97 -16.29 -4.31 -10.36
N SER B 98 -17.21 -4.26 -9.39
CA SER B 98 -18.49 -4.96 -9.54
C SER B 98 -19.34 -4.32 -10.64
N ILE B 99 -19.25 -3.00 -10.80
CA ILE B 99 -20.01 -2.33 -11.84
C ILE B 99 -19.56 -2.80 -13.22
N GLU B 100 -18.25 -2.87 -13.44
CA GLU B 100 -17.73 -3.26 -14.74
C GLU B 100 -17.92 -4.75 -15.00
N LYS B 101 -17.75 -5.57 -13.96
CA LYS B 101 -17.79 -7.03 -14.15
C LYS B 101 -19.16 -7.50 -14.63
N TRP B 102 -20.23 -6.91 -14.10
CA TRP B 102 -21.58 -7.33 -14.42
C TRP B 102 -22.23 -6.46 -15.49
N ASN B 103 -21.43 -5.69 -16.23
CA ASN B 103 -21.92 -4.85 -17.32
C ASN B 103 -22.98 -3.85 -16.86
N LEU B 104 -22.86 -3.37 -15.62
CA LEU B 104 -23.77 -2.33 -15.15
C LEU B 104 -23.48 -0.99 -15.81
N HIS B 105 -22.19 -0.71 -16.10
CA HIS B 105 -21.83 0.55 -16.73
C HIS B 105 -22.42 0.65 -18.13
N LYS B 106 -22.42 -0.45 -18.88
CA LYS B 106 -22.96 -0.43 -20.24
C LYS B 106 -24.45 -0.10 -20.24
N ARG B 107 -25.22 -0.68 -19.32
CA ARG B 107 -26.64 -0.41 -19.26
C ARG B 107 -26.92 1.04 -18.89
N ILE B 108 -26.16 1.58 -17.93
CA ILE B 108 -26.35 2.98 -17.54
C ILE B 108 -25.97 3.90 -18.69
N ALA B 109 -24.86 3.63 -19.37
CA ALA B 109 -24.43 4.46 -20.48
C ALA B 109 -25.43 4.40 -21.63
N LEU B 110 -25.93 3.20 -21.95
CA LEU B 110 -26.90 3.07 -23.03
C LEU B 110 -28.20 3.80 -22.70
N LYS B 111 -28.66 3.69 -21.44
CA LYS B 111 -29.87 4.41 -21.05
C LYS B 111 -29.68 5.92 -21.12
N MET B 112 -28.50 6.39 -20.73
CA MET B 112 -28.21 7.83 -20.81
C MET B 112 -28.23 8.32 -22.25
N VAL B 113 -27.65 7.55 -23.17
CA VAL B 113 -27.55 7.98 -24.56
C VAL B 113 -28.93 7.98 -25.22
N MET B 114 -29.74 6.96 -24.93
CA MET B 114 -31.06 6.86 -25.56
C MET B 114 -31.95 8.04 -25.19
N MET B 115 -31.92 8.46 -23.92
CA MET B 115 -32.76 9.57 -23.49
C MET B 115 -32.33 10.88 -24.13
N VAL B 116 -31.11 11.32 -23.85
CA VAL B 116 -30.60 12.58 -24.39
C VAL B 116 -29.13 12.40 -24.77
N GLY B 117 -28.50 13.49 -25.20
CA GLY B 117 -27.07 13.47 -25.48
C GLY B 117 -26.66 12.72 -26.73
N VAL B 118 -27.04 13.24 -27.89
CA VAL B 118 -26.56 12.73 -29.17
C VAL B 118 -25.34 13.51 -29.65
N ASN B 119 -25.38 14.82 -29.54
CA ASN B 119 -24.28 15.67 -29.96
C ASN B 119 -23.14 15.59 -28.93
N PRO B 120 -21.88 15.44 -29.37
CA PRO B 120 -20.79 15.29 -28.40
C PRO B 120 -20.61 16.48 -27.47
N ALA B 121 -20.90 17.69 -27.93
CA ALA B 121 -20.71 18.86 -27.09
C ALA B 121 -21.67 18.85 -25.90
N TRP B 122 -22.87 18.31 -26.09
CA TRP B 122 -23.82 18.25 -24.98
C TRP B 122 -23.46 17.16 -23.97
N LEU B 123 -22.65 16.18 -24.38
CA LEU B 123 -22.23 15.13 -23.46
C LEU B 123 -21.34 15.68 -22.36
N THR B 124 -20.29 16.43 -22.73
CA THR B 124 -19.37 16.95 -21.74
C THR B 124 -20.03 18.00 -20.87
N LEU B 125 -21.00 18.74 -21.41
CA LEU B 125 -21.77 19.67 -20.59
C LEU B 125 -22.59 18.92 -19.55
N GLY B 126 -23.24 17.83 -19.95
CA GLY B 126 -23.96 17.01 -18.99
C GLY B 126 -23.03 16.31 -18.02
N PHE B 127 -21.87 15.86 -18.50
CA PHE B 127 -20.92 15.18 -17.63
C PHE B 127 -20.41 16.13 -16.55
N MET B 128 -20.09 17.37 -16.92
CA MET B 128 -19.64 18.34 -15.92
C MET B 128 -20.74 18.66 -14.93
N SER B 129 -21.97 18.90 -15.41
CA SER B 129 -23.06 19.28 -14.52
C SER B 129 -23.41 18.15 -13.56
N SER B 130 -23.47 16.91 -14.07
CA SER B 130 -23.80 15.78 -13.20
C SER B 130 -22.72 15.54 -12.16
N THR B 131 -21.45 15.59 -12.56
CA THR B 131 -20.36 15.35 -11.62
C THR B 131 -20.25 16.49 -10.61
N ALA B 132 -20.36 17.73 -11.07
CA ALA B 132 -20.25 18.87 -10.16
C ALA B 132 -21.36 18.86 -9.11
N PHE B 133 -22.59 18.56 -9.53
CA PHE B 133 -23.69 18.48 -8.56
C PHE B 133 -23.50 17.31 -7.62
N LEU B 134 -22.97 16.19 -8.12
CA LEU B 134 -22.62 15.08 -7.24
C LEU B 134 -21.49 15.47 -6.29
N SER B 135 -20.51 16.24 -6.78
CA SER B 135 -19.41 16.70 -5.94
C SER B 135 -19.86 17.77 -4.96
N MET B 136 -21.07 18.31 -5.11
CA MET B 136 -21.57 19.33 -4.19
C MET B 136 -21.66 18.82 -2.77
N TRP B 137 -22.09 17.57 -2.59
CA TRP B 137 -22.41 17.03 -1.27
C TRP B 137 -21.40 16.01 -0.77
N LEU B 138 -20.98 15.06 -1.61
CA LEU B 138 -20.24 13.91 -1.09
C LEU B 138 -18.77 14.24 -0.86
N SER B 139 -18.02 14.48 -1.93
CA SER B 139 -16.58 14.75 -1.86
C SER B 139 -16.00 14.98 -3.25
N ASN B 140 -14.81 15.58 -3.32
CA ASN B 140 -14.09 15.62 -4.58
C ASN B 140 -13.48 14.26 -4.89
N THR B 141 -12.90 13.60 -3.89
CA THR B 141 -12.31 12.28 -4.09
C THR B 141 -13.38 11.24 -4.41
N SER B 142 -14.51 11.29 -3.72
CA SER B 142 -15.55 10.29 -3.91
C SER B 142 -16.16 10.38 -5.29
N THR B 143 -16.58 11.59 -5.70
CA THR B 143 -17.30 11.74 -6.96
C THR B 143 -16.40 11.44 -8.16
N ALA B 144 -15.09 11.58 -7.99
CA ALA B 144 -14.18 11.33 -9.10
C ALA B 144 -14.18 9.86 -9.51
N ALA B 145 -14.20 8.98 -8.51
CA ALA B 145 -14.12 7.54 -8.80
C ALA B 145 -15.49 6.90 -8.97
N MET B 146 -16.58 7.62 -8.67
CA MET B 146 -17.90 7.02 -8.77
C MET B 146 -18.47 7.16 -10.17
N VAL B 147 -18.35 8.33 -10.79
CA VAL B 147 -18.90 8.55 -12.13
C VAL B 147 -17.90 8.22 -13.23
N MET B 148 -16.63 8.02 -12.91
CA MET B 148 -15.65 7.67 -13.93
C MET B 148 -15.97 6.36 -14.63
N PRO B 149 -16.31 5.27 -13.93
CA PRO B 149 -16.77 4.08 -14.67
C PRO B 149 -18.00 4.33 -15.52
N ILE B 150 -18.90 5.20 -15.07
CA ILE B 150 -20.05 5.57 -15.88
C ILE B 150 -19.61 6.44 -17.05
N ALA B 151 -18.69 7.38 -16.80
CA ALA B 151 -18.25 8.30 -17.85
C ALA B 151 -17.56 7.57 -18.99
N GLU B 152 -16.67 6.63 -18.66
CA GLU B 152 -15.98 5.89 -19.71
C GLU B 152 -16.96 5.01 -20.49
N ALA B 153 -17.97 4.47 -19.80
CA ALA B 153 -18.92 3.59 -20.47
C ALA B 153 -19.60 4.29 -21.64
N VAL B 154 -19.78 5.61 -21.55
CA VAL B 154 -20.42 6.35 -22.63
C VAL B 154 -19.46 6.50 -23.81
N VAL B 155 -18.23 6.94 -23.56
CA VAL B 155 -17.33 7.33 -24.65
C VAL B 155 -16.79 6.10 -25.37
N GLN B 156 -16.50 5.01 -24.64
CA GLN B 156 -16.26 3.75 -25.34
C GLN B 156 -17.50 3.26 -26.08
N GLN B 157 -18.70 3.59 -25.60
CA GLN B 157 -19.90 3.17 -26.30
C GLN B 157 -20.07 3.91 -27.63
N ILE B 158 -19.82 5.21 -27.63
CA ILE B 158 -20.08 6.02 -28.83
C ILE B 158 -19.10 5.64 -29.95
N ILE B 159 -17.83 5.37 -29.60
CA ILE B 159 -16.86 5.00 -30.62
C ILE B 159 -17.19 3.65 -31.23
N ASN B 160 -17.69 2.72 -30.40
CA ASN B 160 -18.15 1.44 -30.93
C ASN B 160 -19.35 1.61 -31.84
N ALA B 161 -20.29 2.47 -31.46
CA ALA B 161 -21.45 2.74 -32.31
C ALA B 161 -21.12 3.67 -33.47
N GLU B 162 -19.96 4.31 -33.45
CA GLU B 162 -19.55 5.23 -34.51
C GLU B 162 -19.20 4.50 -35.80
N ALA B 163 -19.09 3.17 -35.78
CA ALA B 163 -18.77 2.44 -37.01
C ALA B 163 -19.85 2.63 -38.06
N GLU B 164 -21.13 2.55 -37.66
CA GLU B 164 -22.27 2.73 -38.56
C GLU B 164 -22.20 1.78 -39.75
N VAL B 165 -21.82 0.53 -39.47
CA VAL B 165 -21.68 -0.51 -40.50
C VAL B 165 -20.74 -0.07 -41.62
N GLU B 166 -19.58 0.47 -41.22
CA GLU B 166 -18.57 0.91 -42.19
C GLU B 166 -17.96 -0.27 -42.92
N THR B 230 -8.27 7.42 -36.65
CA THR B 230 -8.72 6.97 -35.34
C THR B 230 -8.34 7.96 -34.25
N LYS B 231 -7.75 9.09 -34.66
CA LYS B 231 -7.34 10.12 -33.71
C LYS B 231 -8.53 10.78 -33.03
N LYS B 232 -9.72 10.73 -33.64
CA LYS B 232 -10.90 11.30 -33.00
C LYS B 232 -11.27 10.53 -31.73
N GLY B 233 -11.06 9.22 -31.74
CA GLY B 233 -11.45 8.41 -30.58
C GLY B 233 -10.65 8.74 -29.34
N HIS B 234 -9.32 8.88 -29.49
CA HIS B 234 -8.49 9.07 -28.31
C HIS B 234 -8.64 10.47 -27.72
N VAL B 235 -8.83 11.49 -28.55
CA VAL B 235 -8.98 12.84 -28.05
C VAL B 235 -10.31 12.99 -27.32
N THR B 236 -11.34 12.27 -27.79
CA THR B 236 -12.65 12.33 -27.14
C THR B 236 -12.58 11.78 -25.72
N ARG B 237 -11.89 10.65 -25.52
CA ARG B 237 -11.83 10.06 -24.18
C ARG B 237 -10.93 10.88 -23.27
N LYS B 238 -9.90 11.53 -23.81
CA LYS B 238 -9.07 12.41 -23.01
C LYS B 238 -9.88 13.61 -22.50
N LEU B 239 -10.76 14.15 -23.36
CA LEU B 239 -11.59 15.28 -22.94
C LEU B 239 -12.55 14.88 -21.83
N THR B 240 -13.38 13.86 -22.07
CA THR B 240 -14.43 13.51 -21.12
C THR B 240 -13.86 13.03 -19.80
N CYS B 241 -12.78 12.24 -19.85
CA CYS B 241 -12.15 11.81 -18.60
C CYS B 241 -11.61 13.00 -17.83
N LEU B 242 -11.11 14.02 -18.54
CA LEU B 242 -10.65 15.24 -17.90
C LEU B 242 -11.80 16.12 -17.42
N CYS B 243 -12.99 15.97 -17.99
CA CYS B 243 -14.14 16.76 -17.55
C CYS B 243 -14.43 16.50 -16.08
N ILE B 244 -14.45 15.23 -15.67
CA ILE B 244 -14.63 14.90 -14.26
C ILE B 244 -13.42 15.35 -13.45
N ALA B 245 -12.22 15.30 -14.03
CA ALA B 245 -11.04 15.75 -13.32
C ALA B 245 -11.15 17.22 -12.94
N TYR B 246 -11.64 18.05 -13.87
CA TYR B 246 -11.82 19.47 -13.60
C TYR B 246 -13.20 19.81 -13.07
N SER B 247 -14.07 18.81 -12.90
CA SER B 247 -15.39 19.06 -12.33
C SER B 247 -15.32 19.06 -10.81
N SER B 248 -14.40 19.84 -10.26
CA SER B 248 -14.30 20.05 -8.82
C SER B 248 -14.46 21.50 -8.43
N THR B 249 -14.68 22.40 -9.40
CA THR B 249 -14.90 23.80 -9.10
C THR B 249 -16.18 24.02 -8.31
N ILE B 250 -17.13 23.09 -8.38
CA ILE B 250 -18.32 23.13 -7.55
C ILE B 250 -18.23 22.18 -6.37
N GLY B 251 -17.22 21.32 -6.35
CA GLY B 251 -17.07 20.33 -5.30
C GLY B 251 -16.40 20.84 -4.04
N GLY B 252 -17.16 21.55 -3.21
CA GLY B 252 -16.66 22.09 -1.97
C GLY B 252 -16.33 23.56 -2.00
N LEU B 253 -16.15 24.13 -3.19
CA LEU B 253 -16.01 25.59 -3.29
C LEU B 253 -17.30 26.27 -2.86
N THR B 254 -18.45 25.70 -3.23
CA THR B 254 -19.74 26.31 -2.94
C THR B 254 -20.34 25.85 -1.61
N THR B 255 -19.88 24.75 -1.04
CA THR B 255 -20.43 24.21 0.20
C THR B 255 -19.33 24.09 1.25
N ILE B 256 -19.71 24.33 2.51
CA ILE B 256 -18.75 24.30 3.60
C ILE B 256 -18.23 22.89 3.83
N THR B 257 -19.09 21.89 3.66
CA THR B 257 -18.74 20.50 3.94
C THR B 257 -18.38 19.70 2.69
N GLY B 258 -18.22 20.37 1.55
CA GLY B 258 -17.91 19.65 0.32
C GLY B 258 -16.57 18.92 0.37
N THR B 259 -15.55 19.59 0.91
CA THR B 259 -14.22 19.00 1.00
C THR B 259 -13.60 19.37 2.34
N SER B 260 -12.60 18.59 2.75
CA SER B 260 -11.95 18.82 4.04
C SER B 260 -11.14 20.10 4.04
N THR B 261 -10.76 20.61 2.87
CA THR B 261 -9.94 21.81 2.80
C THR B 261 -10.69 23.01 3.37
N ASN B 262 -11.93 23.23 2.95
CA ASN B 262 -12.72 24.34 3.48
C ASN B 262 -13.21 24.06 4.89
N LEU B 263 -13.36 22.78 5.25
CA LEU B 263 -13.74 22.45 6.62
C LEU B 263 -12.68 22.88 7.62
N ILE B 264 -11.41 22.70 7.27
CA ILE B 264 -10.32 23.13 8.14
C ILE B 264 -10.34 24.64 8.33
N PHE B 265 -10.55 25.38 7.24
CA PHE B 265 -10.64 26.83 7.33
C PHE B 265 -11.83 27.26 8.19
N ALA B 266 -12.98 26.60 8.02
CA ALA B 266 -14.17 26.98 8.77
C ALA B 266 -13.99 26.74 10.27
N GLU B 267 -13.43 25.58 10.64
CA GLU B 267 -13.25 25.27 12.06
C GLU B 267 -12.17 26.14 12.68
N TYR B 268 -11.13 26.50 11.90
CA TYR B 268 -10.10 27.38 12.40
C TYR B 268 -10.63 28.79 12.67
N PHE B 269 -11.45 29.31 11.75
CA PHE B 269 -11.98 30.66 11.92
C PHE B 269 -12.88 30.76 13.13
N ASN B 270 -13.72 29.73 13.36
CA ASN B 270 -14.58 29.73 14.55
C ASN B 270 -13.74 29.66 15.82
N THR B 271 -12.66 28.88 15.80
CA THR B 271 -11.84 28.71 17.00
C THR B 271 -11.15 30.02 17.37
N ARG B 272 -10.49 30.66 16.42
CA ARG B 272 -9.71 31.87 16.72
C ARG B 272 -10.57 33.13 16.72
N TYR B 273 -11.70 33.12 16.02
CA TYR B 273 -12.65 34.24 16.02
C TYR B 273 -14.02 33.71 16.44
N PRO B 274 -14.21 33.44 17.73
CA PRO B 274 -15.53 33.00 18.19
C PRO B 274 -16.62 34.04 17.98
N ASP B 275 -16.28 35.33 18.05
CA ASP B 275 -17.30 36.37 17.91
C ASP B 275 -17.91 36.36 16.51
N CYS B 276 -17.10 36.17 15.48
CA CYS B 276 -17.60 36.20 14.12
C CYS B 276 -18.40 34.94 13.81
N ARG B 277 -19.61 35.13 13.27
CA ARG B 277 -20.47 34.01 12.88
C ARG B 277 -20.87 34.10 11.41
N CYS B 278 -20.13 34.86 10.61
CA CYS B 278 -20.45 35.00 9.20
C CYS B 278 -20.29 33.67 8.46
N LEU B 279 -19.26 32.90 8.80
CA LEU B 279 -18.99 31.62 8.14
C LEU B 279 -20.06 30.61 8.56
N ASN B 280 -21.06 30.43 7.71
CA ASN B 280 -22.15 29.50 7.99
C ASN B 280 -22.77 29.08 6.67
N PHE B 281 -23.47 27.94 6.70
CA PHE B 281 -24.17 27.47 5.52
C PHE B 281 -25.25 28.46 5.12
N GLY B 282 -25.34 28.76 3.82
CA GLY B 282 -26.22 29.77 3.30
C GLY B 282 -25.56 31.11 3.07
N SER B 283 -24.43 31.37 3.72
CA SER B 283 -23.61 32.56 3.48
C SER B 283 -22.38 32.26 2.65
N TRP B 284 -21.83 31.05 2.78
CA TRP B 284 -20.74 30.63 1.90
C TRP B 284 -21.26 30.27 0.52
N PHE B 285 -22.48 29.72 0.46
CA PHE B 285 -23.05 29.30 -0.82
C PHE B 285 -23.48 30.50 -1.65
N THR B 286 -24.02 31.54 -1.01
CA THR B 286 -24.64 32.64 -1.75
C THR B 286 -23.63 33.45 -2.56
N PHE B 287 -22.34 33.34 -2.24
CA PHE B 287 -21.32 34.07 -3.00
C PHE B 287 -20.43 33.16 -3.82
N SER B 288 -20.16 31.94 -3.35
CA SER B 288 -19.31 31.03 -4.10
C SER B 288 -20.02 30.43 -5.30
N PHE B 289 -21.31 30.10 -5.17
CA PHE B 289 -22.05 29.50 -6.29
C PHE B 289 -22.06 30.39 -7.53
N PRO B 290 -22.39 31.69 -7.45
CA PRO B 290 -22.25 32.52 -8.67
C PRO B 290 -20.81 32.58 -9.18
N ALA B 291 -19.83 32.60 -8.27
CA ALA B 291 -18.44 32.62 -8.69
C ALA B 291 -18.02 31.29 -9.30
N ALA B 292 -18.31 30.18 -8.61
CA ALA B 292 -17.84 28.88 -9.06
C ALA B 292 -18.54 28.42 -10.33
N LEU B 293 -19.78 28.88 -10.55
CA LEU B 293 -20.47 28.54 -11.79
C LEU B 293 -19.75 29.13 -12.99
N ILE B 294 -19.09 30.27 -12.81
CA ILE B 294 -18.36 30.89 -13.91
C ILE B 294 -17.20 30.02 -14.36
N ILE B 295 -16.45 29.45 -13.40
CA ILE B 295 -15.34 28.57 -13.77
C ILE B 295 -15.84 27.38 -14.55
N LEU B 296 -16.96 26.79 -14.13
CA LEU B 296 -17.49 25.60 -14.79
C LEU B 296 -17.82 25.88 -16.26
N LEU B 297 -18.42 27.04 -16.54
CA LEU B 297 -18.78 27.37 -17.91
C LEU B 297 -17.56 27.64 -18.77
N LEU B 298 -16.62 28.45 -18.28
CA LEU B 298 -15.41 28.73 -19.05
C LEU B 298 -14.51 27.51 -19.16
N SER B 299 -14.50 26.65 -18.14
CA SER B 299 -13.76 25.40 -18.25
C SER B 299 -14.34 24.53 -19.35
N TRP B 300 -15.67 24.49 -19.48
CA TRP B 300 -16.30 23.77 -20.58
C TRP B 300 -15.91 24.36 -21.93
N ILE B 301 -15.90 25.71 -22.01
CA ILE B 301 -15.54 26.35 -23.28
C ILE B 301 -14.07 26.16 -23.59
N TRP B 302 -13.20 26.36 -22.59
CA TRP B 302 -11.77 26.22 -22.81
C TRP B 302 -11.39 24.78 -23.18
N LEU B 303 -11.99 23.80 -22.50
CA LEU B 303 -11.70 22.40 -22.83
C LEU B 303 -12.22 22.04 -24.21
N GLN B 304 -13.36 22.62 -24.60
CA GLN B 304 -13.88 22.40 -25.95
C GLN B 304 -12.98 23.02 -27.01
N TRP B 305 -12.29 24.11 -26.67
CA TRP B 305 -11.36 24.72 -27.62
C TRP B 305 -10.08 23.90 -27.73
N LEU B 306 -9.55 23.43 -26.61
CA LEU B 306 -8.28 22.69 -26.63
C LEU B 306 -8.43 21.34 -27.30
N PHE B 307 -9.50 20.62 -27.00
CA PHE B 307 -9.74 19.29 -27.53
C PHE B 307 -10.92 19.33 -28.50
N LEU B 308 -10.80 18.61 -29.62
CA LEU B 308 -11.78 18.62 -30.70
C LEU B 308 -11.93 20.02 -31.28
N GLY B 309 -13.00 20.23 -32.06
CA GLY B 309 -13.27 21.52 -32.66
C GLY B 309 -14.42 22.22 -31.96
N PHE B 310 -14.30 23.55 -31.84
CA PHE B 310 -15.30 24.38 -31.18
C PHE B 310 -15.96 25.25 -32.23
N ASN B 311 -17.15 24.85 -32.67
CA ASN B 311 -17.95 25.61 -33.62
C ASN B 311 -19.27 25.97 -32.98
N PHE B 312 -19.62 27.26 -33.02
CA PHE B 312 -20.83 27.73 -32.35
C PHE B 312 -22.09 27.22 -33.04
N LYS B 313 -22.02 26.91 -34.33
CA LYS B 313 -23.19 26.49 -35.07
C LYS B 313 -23.52 25.01 -34.88
N GLU B 314 -22.60 24.22 -34.31
CA GLU B 314 -22.85 22.79 -34.15
C GLU B 314 -23.93 22.52 -33.11
N MET B 315 -23.82 23.16 -31.94
CA MET B 315 -24.80 22.93 -30.88
C MET B 315 -26.17 23.48 -31.26
N PHE B 316 -26.21 24.67 -31.86
CA PHE B 316 -27.48 25.27 -32.27
C PHE B 316 -27.72 25.10 -33.76
N THR B 323 -29.26 14.13 -38.81
CA THR B 323 -28.75 13.67 -40.10
C THR B 323 -28.80 12.15 -40.19
N VAL B 324 -28.29 11.61 -41.29
CA VAL B 324 -28.28 10.16 -41.48
C VAL B 324 -27.39 9.49 -40.44
N GLN B 325 -26.23 10.08 -40.16
CA GLN B 325 -25.34 9.52 -39.15
C GLN B 325 -25.99 9.54 -37.77
N GLN B 326 -26.70 10.62 -37.44
CA GLN B 326 -27.33 10.71 -36.12
C GLN B 326 -28.43 9.66 -35.96
N LYS B 327 -29.25 9.46 -36.99
CA LYS B 327 -30.31 8.45 -36.88
C LYS B 327 -29.73 7.04 -36.93
N ALA B 328 -28.65 6.83 -37.68
CA ALA B 328 -28.00 5.53 -37.71
C ALA B 328 -27.39 5.20 -36.35
N CYS B 329 -26.77 6.20 -35.71
CA CYS B 329 -26.20 5.99 -34.38
C CYS B 329 -27.28 5.67 -33.36
N ALA B 330 -28.43 6.32 -33.47
CA ALA B 330 -29.53 6.04 -32.54
C ALA B 330 -30.03 4.61 -32.71
N GLU B 331 -30.15 4.14 -33.95
CA GLU B 331 -30.68 2.81 -34.19
C GLU B 331 -29.77 1.73 -33.61
N VAL B 332 -28.45 1.87 -33.81
CA VAL B 332 -27.53 0.85 -33.29
C VAL B 332 -27.44 0.94 -31.77
N ILE B 333 -27.57 2.14 -31.20
CA ILE B 333 -27.52 2.28 -29.75
C ILE B 333 -28.71 1.60 -29.10
N LYS B 334 -29.92 1.86 -29.62
CA LYS B 334 -31.11 1.24 -29.07
C LYS B 334 -31.14 -0.26 -29.33
N GLN B 335 -30.53 -0.70 -30.43
CA GLN B 335 -30.43 -2.13 -30.70
C GLN B 335 -29.58 -2.83 -29.66
N GLU B 336 -28.47 -2.21 -29.25
CA GLU B 336 -27.61 -2.79 -28.24
C GLU B 336 -28.32 -2.89 -26.89
N TYR B 337 -29.15 -1.89 -26.57
CA TYR B 337 -29.87 -1.91 -25.30
C TYR B 337 -30.82 -3.09 -25.21
N GLN B 338 -31.52 -3.40 -26.30
CA GLN B 338 -32.38 -4.58 -26.32
C GLN B 338 -31.55 -5.87 -26.25
N LYS B 339 -30.33 -5.85 -26.79
CA LYS B 339 -29.48 -7.03 -26.73
C LYS B 339 -29.08 -7.38 -25.31
N LEU B 340 -28.94 -6.37 -24.44
CA LEU B 340 -28.61 -6.63 -23.04
C LEU B 340 -29.72 -7.43 -22.35
N GLY B 341 -30.98 -7.08 -22.64
CA GLY B 341 -32.10 -7.79 -22.09
C GLY B 341 -32.57 -7.22 -20.76
N PRO B 342 -33.33 -8.01 -20.01
CA PRO B 342 -33.86 -7.51 -18.73
C PRO B 342 -32.77 -7.34 -17.69
N ILE B 343 -33.11 -6.58 -16.65
CA ILE B 343 -32.18 -6.36 -15.56
C ILE B 343 -31.86 -7.68 -14.86
N ARG B 344 -30.63 -7.82 -14.40
CA ARG B 344 -30.16 -9.03 -13.74
C ARG B 344 -30.06 -8.82 -12.24
N TYR B 345 -30.00 -9.94 -11.51
CA TYR B 345 -29.91 -9.89 -10.06
C TYR B 345 -28.62 -9.22 -9.61
N GLN B 346 -27.50 -9.53 -10.27
CA GLN B 346 -26.22 -8.97 -9.86
C GLN B 346 -26.19 -7.45 -10.02
N GLU B 347 -26.78 -6.93 -11.09
CA GLU B 347 -26.79 -5.49 -11.30
C GLU B 347 -27.66 -4.77 -10.28
N ILE B 348 -28.78 -5.39 -9.89
CA ILE B 348 -29.67 -4.77 -8.90
C ILE B 348 -28.95 -4.65 -7.55
N VAL B 349 -28.24 -5.70 -7.15
CA VAL B 349 -27.52 -5.66 -5.87
C VAL B 349 -26.46 -4.57 -5.90
N THR B 350 -25.74 -4.44 -7.02
CA THR B 350 -24.71 -3.41 -7.13
C THR B 350 -25.33 -2.01 -7.01
N LEU B 351 -26.48 -1.79 -7.63
CA LEU B 351 -27.17 -0.51 -7.50
C LEU B 351 -27.59 -0.26 -6.06
N VAL B 352 -28.08 -1.30 -5.38
CA VAL B 352 -28.52 -1.13 -3.99
C VAL B 352 -27.34 -0.73 -3.11
N LEU B 353 -26.20 -1.40 -3.26
CA LEU B 353 -25.01 -1.01 -2.50
C LEU B 353 -24.48 0.33 -2.98
N PHE B 354 -24.71 0.67 -4.25
CA PHE B 354 -24.31 1.98 -4.76
C PHE B 354 -25.10 3.09 -4.07
N ILE B 355 -26.41 2.91 -3.93
CA ILE B 355 -27.26 3.93 -3.30
C ILE B 355 -26.93 4.05 -1.82
N ILE B 356 -26.75 2.92 -1.13
CA ILE B 356 -26.48 2.94 0.30
C ILE B 356 -25.16 3.63 0.59
N MET B 357 -24.13 3.37 -0.23
CA MET B 357 -22.84 4.00 -0.03
C MET B 357 -22.94 5.52 -0.16
N ALA B 358 -23.70 6.00 -1.15
CA ALA B 358 -23.87 7.44 -1.32
C ALA B 358 -24.69 8.04 -0.20
N LEU B 359 -25.73 7.31 0.26
CA LEU B 359 -26.59 7.83 1.31
C LEU B 359 -25.82 8.01 2.62
N LEU B 360 -24.98 7.03 2.97
CA LEU B 360 -24.21 7.14 4.21
C LEU B 360 -23.19 8.27 4.14
N TRP B 361 -22.55 8.46 2.98
CA TRP B 361 -21.60 9.55 2.83
C TRP B 361 -22.29 10.90 2.95
N PHE B 362 -23.47 11.05 2.33
CA PHE B 362 -24.19 12.31 2.39
C PHE B 362 -24.75 12.56 3.78
N SER B 363 -25.18 11.52 4.48
CA SER B 363 -25.84 11.66 5.77
C SER B 363 -24.86 11.63 6.95
N ARG B 364 -23.56 11.55 6.70
CA ARG B 364 -22.60 11.55 7.80
C ARG B 364 -22.54 12.92 8.48
N ASP B 365 -22.19 13.96 7.71
CA ASP B 365 -22.16 15.32 8.21
C ASP B 365 -22.81 16.25 7.20
N PRO B 366 -24.15 16.29 7.12
CA PRO B 366 -24.79 17.22 6.18
C PRO B 366 -24.47 18.68 6.46
N GLY B 367 -24.25 19.04 7.73
CA GLY B 367 -23.95 20.40 8.10
C GLY B 367 -25.13 21.21 8.59
N PHE B 368 -26.35 20.77 8.29
CA PHE B 368 -27.57 21.45 8.72
C PHE B 368 -28.50 20.59 9.57
N VAL B 369 -28.45 19.27 9.42
CA VAL B 369 -29.11 18.35 10.35
C VAL B 369 -28.08 17.32 10.79
N PRO B 370 -27.96 17.03 12.09
CA PRO B 370 -26.99 16.02 12.53
C PRO B 370 -27.29 14.66 11.90
N GLY B 371 -26.22 13.96 11.52
CA GLY B 371 -26.32 12.68 10.87
C GLY B 371 -26.08 11.52 11.83
N TRP B 372 -25.68 10.39 11.24
CA TRP B 372 -25.41 9.20 12.04
C TRP B 372 -24.11 9.33 12.84
N SER B 373 -23.31 10.35 12.58
CA SER B 373 -22.14 10.60 13.42
C SER B 373 -22.54 11.01 14.84
N ALA B 374 -23.74 11.56 15.00
CA ALA B 374 -24.23 11.86 16.34
C ALA B 374 -24.44 10.60 17.16
N LEU B 375 -24.74 9.49 16.49
CA LEU B 375 -24.81 8.20 17.18
C LEU B 375 -23.44 7.82 17.74
N PHE B 376 -22.38 8.08 16.97
CA PHE B 376 -21.01 7.86 17.41
C PHE B 376 -20.37 9.12 17.97
N SER B 377 -21.16 10.00 18.58
CA SER B 377 -20.64 11.27 19.09
C SER B 377 -19.99 11.09 20.45
N GLU B 378 -19.08 10.13 20.56
CA GLU B 378 -18.26 9.94 21.76
C GLU B 378 -16.77 10.02 21.47
N TYR B 379 -16.33 9.47 20.35
CA TYR B 379 -14.94 9.61 19.90
C TYR B 379 -14.98 10.31 18.55
N PRO B 380 -14.79 11.63 18.50
CA PRO B 380 -15.00 12.35 17.24
C PRO B 380 -13.87 12.14 16.26
N GLY B 381 -14.24 12.05 14.97
CA GLY B 381 -13.28 11.88 13.91
C GLY B 381 -12.76 10.48 13.72
N PHE B 382 -13.24 9.51 14.51
CA PHE B 382 -12.75 8.14 14.38
C PHE B 382 -13.30 7.46 13.13
N ALA B 383 -14.59 7.64 12.86
CA ALA B 383 -15.26 7.03 11.71
C ALA B 383 -15.32 8.06 10.58
N THR B 384 -14.37 7.97 9.66
CA THR B 384 -14.30 8.90 8.54
C THR B 384 -15.08 8.34 7.35
N ASP B 385 -14.92 8.97 6.19
CA ASP B 385 -15.63 8.53 4.99
C ASP B 385 -15.08 7.21 4.47
N SER B 386 -13.80 6.92 4.71
CA SER B 386 -13.21 5.69 4.21
C SER B 386 -13.82 4.46 4.87
N THR B 387 -14.20 4.57 6.15
CA THR B 387 -14.83 3.44 6.82
C THR B 387 -16.16 3.07 6.16
N VAL B 388 -16.90 4.09 5.72
CA VAL B 388 -18.14 3.83 4.98
C VAL B 388 -17.83 3.12 3.67
N ALA B 389 -16.77 3.55 2.98
CA ALA B 389 -16.39 2.91 1.72
C ALA B 389 -16.01 1.45 1.95
N LEU B 390 -15.27 1.18 3.02
CA LEU B 390 -14.87 -0.21 3.29
C LEU B 390 -16.05 -1.05 3.73
N LEU B 391 -16.97 -0.47 4.51
CA LEU B 391 -18.11 -1.23 5.01
C LEU B 391 -18.97 -1.77 3.87
N ILE B 392 -19.23 -0.93 2.87
CA ILE B 392 -20.00 -1.38 1.71
C ILE B 392 -19.09 -2.06 0.69
N GLY B 393 -17.83 -1.63 0.61
CA GLY B 393 -16.92 -2.21 -0.38
C GLY B 393 -16.61 -3.67 -0.11
N LEU B 394 -16.33 -4.01 1.15
CA LEU B 394 -16.00 -5.38 1.49
C LEU B 394 -17.22 -6.31 1.41
N LEU B 395 -18.43 -5.75 1.36
CA LEU B 395 -19.61 -6.59 1.21
C LEU B 395 -19.67 -7.26 -0.16
N PHE B 396 -18.92 -6.77 -1.14
CA PHE B 396 -18.93 -7.37 -2.47
C PHE B 396 -18.19 -8.70 -2.49
N PHE B 397 -17.39 -8.98 -1.47
CA PHE B 397 -16.59 -10.21 -1.43
C PHE B 397 -17.34 -11.37 -0.79
N LEU B 398 -18.52 -11.15 -0.23
CA LEU B 398 -19.25 -12.20 0.47
C LEU B 398 -20.72 -12.31 0.07
N ILE B 399 -21.20 -11.45 -0.82
CA ILE B 399 -22.58 -11.52 -1.30
C ILE B 399 -22.62 -12.53 -2.44
N PRO B 400 -23.48 -13.54 -2.38
CA PRO B 400 -23.52 -14.55 -3.46
C PRO B 400 -23.88 -13.94 -4.80
N ALA B 401 -23.24 -14.45 -5.85
CA ALA B 401 -23.50 -14.00 -7.21
C ALA B 401 -24.11 -15.09 -8.08
N LYS B 402 -23.46 -16.27 -8.17
CA LYS B 402 -23.97 -17.37 -8.95
C LYS B 402 -23.53 -18.68 -8.32
N THR B 403 -24.46 -19.62 -8.20
CA THR B 403 -24.17 -20.91 -7.61
C THR B 403 -23.36 -21.77 -8.58
N LEU B 404 -22.43 -22.55 -8.04
CA LEU B 404 -21.61 -23.45 -8.85
C LEU B 404 -22.09 -24.89 -8.72
N GLU B 412 -28.58 -29.85 -12.40
CA GLU B 412 -28.06 -28.94 -11.39
C GLU B 412 -27.40 -29.72 -10.26
N ILE B 413 -26.08 -29.89 -10.36
CA ILE B 413 -25.34 -30.65 -9.36
C ILE B 413 -25.28 -29.88 -8.04
N VAL B 414 -25.04 -28.57 -8.11
CA VAL B 414 -24.78 -27.74 -6.93
C VAL B 414 -23.63 -28.38 -6.17
N ALA B 415 -22.44 -28.35 -6.77
CA ALA B 415 -21.35 -29.22 -6.32
C ALA B 415 -20.76 -28.76 -5.00
N PHE B 416 -20.15 -27.57 -4.98
CA PHE B 416 -19.35 -27.16 -3.84
C PHE B 416 -19.93 -25.97 -3.08
N ASP B 417 -20.15 -24.84 -3.75
CA ASP B 417 -20.55 -23.62 -3.07
C ASP B 417 -20.95 -22.58 -4.12
N TYR B 418 -21.18 -21.36 -3.65
CA TYR B 418 -21.53 -20.23 -4.50
C TYR B 418 -20.26 -19.49 -4.92
N SER B 419 -20.44 -18.33 -5.55
CA SER B 419 -19.36 -17.42 -5.89
C SER B 419 -19.73 -16.01 -5.48
N PRO B 420 -18.78 -15.23 -4.98
CA PRO B 420 -19.07 -13.86 -4.59
C PRO B 420 -19.26 -12.96 -5.81
N LEU B 421 -19.72 -11.74 -5.54
CA LEU B 421 -19.94 -10.78 -6.63
C LEU B 421 -18.62 -10.50 -7.37
N ILE B 422 -17.55 -10.29 -6.62
CA ILE B 422 -16.21 -10.18 -7.18
C ILE B 422 -15.24 -10.96 -6.30
N THR B 423 -14.42 -11.79 -6.93
CA THR B 423 -13.34 -12.44 -6.21
C THR B 423 -12.13 -11.50 -6.19
N TRP B 424 -11.18 -11.80 -5.32
CA TRP B 424 -10.01 -10.93 -5.18
C TRP B 424 -9.18 -10.88 -6.45
N LYS B 425 -9.24 -11.92 -7.29
CA LYS B 425 -8.49 -11.89 -8.55
C LYS B 425 -8.94 -10.75 -9.45
N GLU B 426 -10.23 -10.47 -9.46
CA GLU B 426 -10.73 -9.40 -10.27
C GLU B 426 -10.56 -8.10 -9.57
N PHE B 427 -10.37 -8.11 -8.26
CA PHE B 427 -10.06 -6.87 -7.53
C PHE B 427 -8.58 -6.52 -7.63
N GLN B 428 -7.69 -7.52 -7.68
CA GLN B 428 -6.28 -7.22 -7.83
C GLN B 428 -6.01 -6.51 -9.14
N SER B 429 -6.63 -6.96 -10.23
CA SER B 429 -6.64 -6.20 -11.46
C SER B 429 -7.61 -5.03 -11.32
N PHE B 430 -7.44 -4.03 -12.20
CA PHE B 430 -8.30 -2.86 -12.27
C PHE B 430 -8.12 -1.98 -11.03
N MET B 431 -7.38 -2.47 -10.05
CA MET B 431 -7.10 -1.68 -8.85
C MET B 431 -5.95 -0.73 -9.14
N PRO B 432 -6.14 0.58 -8.98
CA PRO B 432 -5.04 1.52 -9.25
C PRO B 432 -3.91 1.42 -8.25
N TRP B 433 -3.12 0.35 -8.32
CA TRP B 433 -1.93 0.26 -7.50
C TRP B 433 -0.93 1.35 -7.85
N ASP B 434 -1.00 1.87 -9.09
CA ASP B 434 -0.19 3.02 -9.47
C ASP B 434 -0.51 4.23 -8.61
N ILE B 435 -1.81 4.49 -8.42
CA ILE B 435 -2.24 5.68 -7.70
C ILE B 435 -1.91 5.56 -6.21
N ALA B 436 -2.04 4.37 -5.66
CA ALA B 436 -1.74 4.17 -4.24
C ALA B 436 -0.29 4.51 -3.94
N ILE B 437 0.64 4.05 -4.79
CA ILE B 437 2.04 4.42 -4.63
C ILE B 437 2.26 5.88 -4.98
N LEU B 438 1.62 6.36 -6.05
CA LEU B 438 1.82 7.73 -6.50
C LEU B 438 1.38 8.73 -5.44
N VAL B 439 0.15 8.60 -4.95
CA VAL B 439 -0.35 9.52 -3.93
C VAL B 439 0.45 9.37 -2.64
N GLY B 440 0.87 8.14 -2.33
CA GLY B 440 1.71 7.94 -1.15
C GLY B 440 3.02 8.70 -1.23
N GLY B 441 3.61 8.77 -2.42
CA GLY B 441 4.81 9.56 -2.59
C GLY B 441 4.58 11.04 -2.33
N GLY B 442 3.42 11.56 -2.76
CA GLY B 442 3.10 12.94 -2.49
C GLY B 442 2.92 13.21 -0.99
N PHE B 443 2.27 12.29 -0.28
CA PHE B 443 2.11 12.45 1.15
C PHE B 443 3.46 12.41 1.87
N ALA B 444 4.33 11.48 1.49
CA ALA B 444 5.65 11.39 2.12
C ALA B 444 6.50 12.61 1.78
N LEU B 445 6.44 13.08 0.54
CA LEU B 445 7.20 14.26 0.15
C LEU B 445 6.71 15.49 0.91
N ALA B 446 5.39 15.63 1.06
CA ALA B 446 4.85 16.75 1.82
C ALA B 446 5.25 16.65 3.30
N ASP B 447 5.20 15.44 3.87
CA ASP B 447 5.60 15.27 5.25
C ASP B 447 7.08 15.58 5.46
N GLY B 448 7.91 15.20 4.49
CA GLY B 448 9.33 15.54 4.59
C GLY B 448 9.57 17.04 4.55
N CYS B 449 8.74 17.77 3.80
CA CYS B 449 8.87 19.22 3.76
C CYS B 449 8.54 19.84 5.12
N GLU B 450 7.58 19.25 5.82
CA GLU B 450 7.22 19.78 7.14
C GLU B 450 8.27 19.40 8.19
N GLU B 451 8.81 18.19 8.10
CA GLU B 451 9.83 17.75 9.06
C GLU B 451 11.07 18.63 8.97
N SER B 452 11.60 18.82 7.76
CA SER B 452 12.71 19.74 7.57
C SER B 452 12.21 21.18 7.65
N GLY B 453 13.13 22.08 7.97
CA GLY B 453 12.78 23.49 8.08
C GLY B 453 12.63 24.18 6.74
N LEU B 454 11.87 23.57 5.83
CA LEU B 454 11.64 24.14 4.50
C LEU B 454 10.32 24.89 4.41
N SER B 455 9.23 24.30 4.87
CA SER B 455 7.95 24.98 4.86
C SER B 455 7.97 26.22 5.74
N LYS B 456 8.60 26.11 6.91
CA LYS B 456 8.76 27.28 7.78
C LYS B 456 9.64 28.34 7.11
N TRP B 457 10.68 27.90 6.39
CA TRP B 457 11.53 28.83 5.65
C TRP B 457 10.73 29.57 4.59
N ILE B 458 9.85 28.86 3.89
CA ILE B 458 9.01 29.50 2.87
C ILE B 458 8.09 30.53 3.51
N GLY B 459 7.49 30.19 4.65
CA GLY B 459 6.64 31.13 5.34
C GLY B 459 7.40 32.33 5.86
N ASN B 460 8.65 32.13 6.28
CA ASN B 460 9.45 33.22 6.80
C ASN B 460 9.72 34.27 5.74
N LYS B 461 9.98 33.83 4.49
CA LYS B 461 10.25 34.78 3.42
C LYS B 461 9.01 35.61 3.07
N LEU B 462 7.81 35.07 3.35
CA LEU B 462 6.57 35.79 3.09
C LEU B 462 6.30 36.89 4.11
N SER B 463 6.90 36.82 5.30
CA SER B 463 6.61 37.80 6.34
C SER B 463 6.91 39.24 5.93
N PRO B 464 8.08 39.57 5.35
CA PRO B 464 8.29 40.99 4.98
C PRO B 464 7.54 41.39 3.72
N LEU B 465 6.20 41.42 3.82
CA LEU B 465 5.37 41.81 2.69
C LEU B 465 4.22 42.72 3.11
N GLY B 466 4.29 43.30 4.31
CA GLY B 466 3.20 44.15 4.79
C GLY B 466 3.14 45.52 4.14
N SER B 467 4.22 45.94 3.48
CA SER B 467 4.24 47.26 2.87
C SER B 467 3.39 47.35 1.60
N LEU B 468 2.99 46.21 1.04
CA LEU B 468 2.19 46.23 -0.17
C LEU B 468 0.80 46.77 0.11
N PRO B 469 0.20 47.50 -0.85
CA PRO B 469 -1.05 48.22 -0.56
C PRO B 469 -2.22 47.34 -0.13
N ALA B 470 -2.64 46.41 -0.98
CA ALA B 470 -3.84 45.62 -0.71
C ALA B 470 -4.04 44.52 -1.74
N TRP B 471 -4.38 44.89 -2.97
CA TRP B 471 -4.69 43.90 -4.00
C TRP B 471 -3.48 43.01 -4.29
N LEU B 472 -2.29 43.60 -4.34
CA LEU B 472 -1.06 42.81 -4.37
C LEU B 472 -0.81 42.30 -2.97
N ILE B 473 -0.43 41.01 -2.87
CA ILE B 473 -0.41 40.11 -1.72
C ILE B 473 -1.49 39.08 -1.98
N ILE B 474 -2.72 39.55 -2.22
CA ILE B 474 -3.81 38.64 -2.58
C ILE B 474 -3.48 37.91 -3.87
N LEU B 475 -3.03 38.65 -4.89
CA LEU B 475 -2.56 38.02 -6.12
C LEU B 475 -1.28 37.22 -5.87
N ILE B 476 -0.38 37.76 -5.04
CA ILE B 476 0.87 37.07 -4.76
C ILE B 476 0.59 35.75 -4.04
N SER B 477 -0.28 35.79 -3.03
CA SER B 477 -0.60 34.57 -2.28
C SER B 477 -1.33 33.57 -3.17
N SER B 478 -2.30 34.03 -3.97
CA SER B 478 -3.11 33.11 -4.77
C SER B 478 -2.24 32.35 -5.76
N LEU B 479 -1.36 33.04 -6.48
CA LEU B 479 -0.44 32.35 -7.36
C LEU B 479 0.52 31.48 -6.57
N MET B 480 0.92 31.94 -5.37
CA MET B 480 1.78 31.14 -4.51
C MET B 480 1.02 29.95 -3.94
N VAL B 481 -0.26 30.13 -3.58
CA VAL B 481 -1.06 29.04 -3.04
C VAL B 481 -1.23 27.95 -4.08
N THR B 482 -1.59 28.32 -5.31
CA THR B 482 -1.80 27.33 -6.37
C THR B 482 -0.49 26.72 -6.87
N SER B 483 0.65 27.26 -6.46
CA SER B 483 1.94 26.70 -6.86
C SER B 483 2.49 25.71 -5.85
N LEU B 484 2.36 26.00 -4.56
CA LEU B 484 2.87 25.10 -3.53
C LEU B 484 1.90 23.97 -3.18
N THR B 485 0.66 24.03 -3.66
CA THR B 485 -0.26 22.91 -3.51
C THR B 485 -0.06 21.85 -4.59
N GLU B 486 0.84 22.11 -5.55
CA GLU B 486 1.08 21.14 -6.61
C GLU B 486 1.83 19.92 -6.10
N VAL B 487 2.71 20.11 -5.11
CA VAL B 487 3.51 19.03 -4.56
C VAL B 487 3.07 18.65 -3.15
N ALA B 488 1.98 19.23 -2.66
CA ALA B 488 1.49 18.94 -1.32
C ALA B 488 -0.02 18.76 -1.36
N SER B 489 -0.53 17.99 -0.40
CA SER B 489 -1.97 17.78 -0.30
C SER B 489 -2.67 19.08 0.11
N ASN B 490 -3.94 19.19 -0.30
CA ASN B 490 -4.70 20.41 -0.01
C ASN B 490 -4.85 20.68 1.48
N PRO B 491 -5.22 19.71 2.34
CA PRO B 491 -5.28 20.02 3.78
C PRO B 491 -3.95 20.44 4.36
N ALA B 492 -2.84 19.87 3.88
CA ALA B 492 -1.53 20.26 4.39
C ALA B 492 -1.18 21.68 3.97
N THR B 493 -1.50 22.04 2.72
CA THR B 493 -1.13 23.36 2.20
C THR B 493 -1.87 24.47 2.93
N ILE B 494 -3.18 24.29 3.16
CA ILE B 494 -3.96 25.34 3.82
C ILE B 494 -3.53 25.47 5.28
N THR B 495 -3.31 24.34 5.96
CA THR B 495 -2.91 24.39 7.37
C THR B 495 -1.55 25.05 7.53
N LEU B 496 -0.67 24.92 6.53
CA LEU B 496 0.59 25.56 6.65
C LEU B 496 0.35 27.00 6.47
N PHE B 497 -0.18 27.43 5.32
CA PHE B 497 -0.32 28.87 5.03
C PHE B 497 -1.24 29.63 5.95
N LEU B 498 -2.29 29.02 6.48
CA LEU B 498 -3.23 29.80 7.26
C LEU B 498 -2.57 30.47 8.42
N PRO B 499 -1.73 29.77 9.16
CA PRO B 499 -1.06 30.54 10.18
C PRO B 499 -0.11 31.60 9.60
N ILE B 500 0.55 31.32 8.50
CA ILE B 500 1.40 32.35 7.98
C ILE B 500 0.58 33.52 7.56
N LEU B 501 -0.48 33.29 6.82
CA LEU B 501 -1.35 34.37 6.34
C LEU B 501 -2.26 35.09 7.32
N SER B 502 -2.88 34.40 8.25
CA SER B 502 -3.82 35.11 9.10
C SER B 502 -3.16 36.16 9.94
N PRO B 503 -2.01 35.88 10.52
CA PRO B 503 -1.38 36.98 11.21
C PRO B 503 -1.03 38.15 10.29
N LEU B 504 -0.62 37.92 9.06
CA LEU B 504 -0.22 39.03 8.21
C LEU B 504 -1.42 39.90 8.11
N ALA B 505 -2.59 39.29 8.05
CA ALA B 505 -3.83 40.05 7.89
C ALA B 505 -4.08 40.96 9.07
N GLU B 506 -4.02 40.41 10.25
CA GLU B 506 -4.31 41.19 11.41
C GLU B 506 -3.34 42.32 11.54
N ALA B 507 -2.09 42.10 11.19
CA ALA B 507 -1.09 43.14 11.40
C ALA B 507 -1.42 44.38 10.63
N ILE B 508 -1.84 44.23 9.37
CA ILE B 508 -2.25 45.37 8.59
C ILE B 508 -3.65 45.62 9.05
N HIS B 509 -4.16 46.82 8.86
CA HIS B 509 -5.54 47.00 9.22
C HIS B 509 -6.39 46.54 8.05
N VAL B 510 -6.64 45.22 7.95
CA VAL B 510 -7.50 44.68 6.90
C VAL B 510 -8.41 43.68 7.55
N ASN B 511 -9.50 43.35 6.88
CA ASN B 511 -10.36 42.31 7.41
C ASN B 511 -9.47 41.09 7.31
N PRO B 512 -9.37 40.29 8.36
CA PRO B 512 -8.49 39.13 8.19
C PRO B 512 -9.10 38.31 7.13
N LEU B 513 -10.41 38.35 7.08
CA LEU B 513 -11.08 37.60 6.06
C LEU B 513 -10.69 38.04 4.68
N TYR B 514 -10.41 39.32 4.46
CA TYR B 514 -10.15 39.65 3.06
C TYR B 514 -9.02 38.81 2.45
N ILE B 515 -8.10 38.31 3.27
CA ILE B 515 -6.98 37.52 2.79
C ILE B 515 -7.27 36.03 2.84
N LEU B 516 -8.04 35.59 3.85
CA LEU B 516 -8.27 34.17 4.04
C LEU B 516 -9.10 33.57 2.91
N ILE B 517 -10.16 34.26 2.49
CA ILE B 517 -11.05 33.69 1.47
C ILE B 517 -10.34 33.43 0.15
N PRO B 518 -9.60 34.37 -0.45
CA PRO B 518 -8.87 34.03 -1.68
C PRO B 518 -7.85 32.92 -1.49
N SER B 519 -7.22 32.86 -0.31
CA SER B 519 -6.23 31.82 -0.06
C SER B 519 -6.89 30.45 0.07
N THR B 520 -7.96 30.35 0.86
CA THR B 520 -8.58 29.05 1.10
C THR B 520 -9.32 28.55 -0.14
N LEU B 521 -9.84 29.47 -0.95
CA LEU B 521 -10.54 29.06 -2.17
C LEU B 521 -9.57 28.63 -3.25
N CYS B 522 -8.37 29.22 -3.27
CA CYS B 522 -7.38 28.89 -4.29
C CYS B 522 -6.62 27.62 -3.98
N THR B 523 -6.71 27.10 -2.76
CA THR B 523 -6.06 25.84 -2.43
C THR B 523 -6.63 24.70 -3.27
N SER B 524 -7.96 24.69 -3.47
CA SER B 524 -8.60 23.64 -4.24
C SER B 524 -8.20 23.65 -5.71
N PHE B 525 -7.74 24.78 -6.23
CA PHE B 525 -7.35 24.88 -7.64
C PHE B 525 -6.00 24.20 -7.82
N ALA B 526 -6.03 22.87 -8.00
CA ALA B 526 -4.83 22.07 -8.23
C ALA B 526 -5.10 21.18 -9.45
N PHE B 527 -4.79 21.69 -10.63
CA PHE B 527 -5.07 20.99 -11.87
C PHE B 527 -3.81 20.54 -12.62
N LEU B 528 -2.63 20.73 -12.03
CA LEU B 528 -1.38 20.35 -12.66
C LEU B 528 -0.78 19.15 -11.93
N LEU B 529 -0.35 18.15 -12.70
CA LEU B 529 0.42 17.02 -12.18
C LEU B 529 -0.42 16.13 -11.27
N PRO B 530 0.03 14.91 -10.96
CA PRO B 530 -0.65 14.12 -9.93
C PRO B 530 -0.39 14.67 -8.54
N VAL B 531 -0.80 13.91 -7.51
CA VAL B 531 -0.52 14.12 -6.08
C VAL B 531 -1.05 15.46 -5.58
N ALA B 532 -1.10 16.46 -6.46
CA ALA B 532 -1.65 17.75 -6.06
C ALA B 532 -3.10 17.62 -5.62
N ASN B 533 -3.90 16.86 -6.37
CA ASN B 533 -5.28 16.60 -6.00
C ASN B 533 -5.60 15.14 -6.27
N PRO B 534 -6.03 14.39 -5.26
CA PRO B 534 -6.34 12.96 -5.46
C PRO B 534 -7.42 12.74 -6.51
N PRO B 535 -8.39 13.65 -6.69
CA PRO B 535 -9.28 13.49 -7.86
C PRO B 535 -8.54 13.42 -9.19
N ASN B 536 -7.45 14.19 -9.34
CA ASN B 536 -6.64 14.06 -10.55
C ASN B 536 -5.99 12.68 -10.62
N ALA B 537 -5.56 12.15 -9.48
CA ALA B 537 -4.87 10.87 -9.47
C ALA B 537 -5.79 9.75 -9.96
N ILE B 538 -7.06 9.78 -9.56
CA ILE B 538 -8.01 8.76 -10.00
C ILE B 538 -8.12 8.75 -11.52
N VAL B 539 -7.96 9.92 -12.14
CA VAL B 539 -8.01 10.01 -13.61
C VAL B 539 -6.84 9.25 -14.22
N PHE B 540 -5.66 9.35 -13.62
CA PHE B 540 -4.48 8.65 -14.13
C PHE B 540 -4.67 7.15 -14.14
N SER B 541 -5.62 6.62 -13.37
CA SER B 541 -5.75 5.18 -13.20
C SER B 541 -6.28 4.47 -14.43
N TYR B 542 -6.82 5.20 -15.40
CA TYR B 542 -7.48 4.57 -16.55
C TYR B 542 -6.59 4.48 -17.78
N GLY B 543 -5.31 4.87 -17.68
CA GLY B 543 -4.37 4.69 -18.75
C GLY B 543 -4.13 5.91 -19.62
N HIS B 544 -5.08 6.84 -19.67
CA HIS B 544 -4.90 8.10 -20.39
C HIS B 544 -4.27 9.12 -19.45
N LEU B 545 -3.02 8.83 -19.09
CA LEU B 545 -2.32 9.52 -18.01
C LEU B 545 -1.27 10.50 -18.53
N LYS B 546 -1.39 10.94 -19.78
CA LYS B 546 -0.46 11.92 -20.34
C LYS B 546 -0.47 13.21 -19.53
N VAL B 547 0.64 13.49 -18.84
CA VAL B 547 0.72 14.68 -18.01
C VAL B 547 0.73 15.95 -18.84
N ILE B 548 1.33 15.92 -20.04
CA ILE B 548 1.47 17.12 -20.84
C ILE B 548 0.11 17.65 -21.28
N ASP B 549 -0.87 16.75 -21.44
CA ASP B 549 -2.19 17.18 -21.90
C ASP B 549 -2.92 17.98 -20.82
N MET B 550 -2.86 17.51 -19.58
CA MET B 550 -3.55 18.19 -18.49
C MET B 550 -2.77 19.39 -17.99
N VAL B 551 -1.43 19.39 -18.12
CA VAL B 551 -0.65 20.58 -17.81
C VAL B 551 -1.06 21.72 -18.75
N LYS B 552 -1.18 21.42 -20.04
CA LYS B 552 -1.64 22.42 -20.99
C LYS B 552 -3.06 22.86 -20.68
N ALA B 553 -3.94 21.91 -20.34
CA ALA B 553 -5.30 22.26 -19.97
C ALA B 553 -5.36 22.91 -18.59
N GLY B 554 -4.48 22.48 -17.67
CA GLY B 554 -4.50 23.03 -16.32
C GLY B 554 -4.20 24.51 -16.26
N LEU B 555 -3.22 24.98 -17.04
CA LEU B 555 -2.92 26.41 -17.05
C LEU B 555 -4.11 27.23 -17.50
N GLY B 556 -4.81 26.77 -18.54
CA GLY B 556 -6.02 27.46 -18.96
C GLY B 556 -7.09 27.51 -17.88
N VAL B 557 -7.30 26.37 -17.20
CA VAL B 557 -8.29 26.34 -16.13
C VAL B 557 -7.81 27.13 -14.93
N ASN B 558 -6.54 26.98 -14.57
CA ASN B 558 -6.02 27.67 -13.38
C ASN B 558 -6.06 29.18 -13.55
N ILE B 559 -5.68 29.68 -14.72
CA ILE B 559 -5.79 31.12 -14.97
C ILE B 559 -7.24 31.55 -14.95
N VAL B 560 -8.12 30.77 -15.58
CA VAL B 560 -9.55 31.06 -15.52
C VAL B 560 -10.06 30.97 -14.09
N GLY B 561 -9.64 29.92 -13.37
CA GLY B 561 -10.08 29.76 -12.00
C GLY B 561 -9.62 30.89 -11.10
N VAL B 562 -8.37 31.31 -11.24
CA VAL B 562 -7.84 32.40 -10.42
C VAL B 562 -8.49 33.73 -10.80
N ALA B 563 -8.61 34.00 -12.11
CA ALA B 563 -9.10 35.30 -12.55
C ALA B 563 -10.53 35.54 -12.09
N VAL B 564 -11.38 34.51 -12.14
CA VAL B 564 -12.75 34.65 -11.69
C VAL B 564 -12.79 34.90 -10.18
N VAL B 565 -11.88 34.28 -9.43
CA VAL B 565 -11.83 34.48 -7.99
C VAL B 565 -11.50 35.94 -7.68
N MET B 566 -10.48 36.50 -8.34
CA MET B 566 -10.13 37.90 -8.11
C MET B 566 -11.25 38.83 -8.52
N LEU B 567 -11.94 38.51 -9.62
CA LEU B 567 -13.11 39.29 -10.01
C LEU B 567 -14.20 39.22 -8.95
N GLY B 568 -14.40 38.04 -8.36
CA GLY B 568 -15.39 37.90 -7.30
C GLY B 568 -15.02 38.68 -6.04
N ILE B 569 -13.75 38.64 -5.66
CA ILE B 569 -13.31 39.31 -4.43
C ILE B 569 -13.55 40.81 -4.53
N CYS B 570 -13.14 41.42 -5.64
CA CYS B 570 -13.17 42.88 -5.75
C CYS B 570 -14.58 43.42 -6.02
N THR B 571 -15.42 42.67 -6.74
CA THR B 571 -16.72 43.17 -7.17
C THR B 571 -17.87 42.67 -6.30
N TRP B 572 -18.03 41.35 -6.19
CA TRP B 572 -19.26 40.78 -5.64
C TRP B 572 -19.17 40.38 -4.17
N ILE B 573 -17.97 40.06 -3.67
CA ILE B 573 -17.87 39.51 -2.33
C ILE B 573 -17.75 40.62 -1.28
N VAL B 574 -17.36 41.82 -1.69
CA VAL B 574 -17.19 42.93 -0.75
C VAL B 574 -18.48 43.29 -0.01
N PRO B 575 -19.62 43.53 -0.67
CA PRO B 575 -20.71 44.27 0.00
C PRO B 575 -21.29 43.60 1.24
N MET B 576 -21.37 42.26 1.29
CA MET B 576 -22.13 41.64 2.38
C MET B 576 -21.26 41.39 3.62
N PHE B 577 -19.98 41.07 3.42
CA PHE B 577 -19.07 40.95 4.55
C PHE B 577 -18.27 42.23 4.83
N ASP B 578 -18.51 43.29 4.07
CA ASP B 578 -17.86 44.59 4.27
C ASP B 578 -16.34 44.45 4.26
N LEU B 579 -15.82 44.06 3.08
CA LEU B 579 -14.41 43.71 2.97
C LEU B 579 -13.49 44.93 3.09
N TYR B 580 -13.99 46.12 2.77
CA TYR B 580 -13.15 47.31 2.93
C TYR B 580 -13.05 47.75 4.38
N THR B 581 -14.10 47.58 5.17
CA THR B 581 -14.11 48.08 6.54
C THR B 581 -13.44 47.07 7.48
N TYR B 582 -12.88 47.59 8.57
CA TYR B 582 -12.27 46.75 9.59
C TYR B 582 -13.35 46.12 10.45
N PRO B 583 -13.41 44.79 10.55
CA PRO B 583 -14.49 44.16 11.32
C PRO B 583 -14.35 44.41 12.81
S SO4 C . 12.66 -10.37 10.67
O1 SO4 C . 11.48 -9.81 10.02
O2 SO4 C . 12.56 -11.82 10.70
O3 SO4 C . 12.75 -9.86 12.04
O4 SO4 C . 13.86 -9.98 9.92
S SO4 D . -10.70 16.33 -0.77
O1 SO4 D . -9.66 15.30 -0.89
O2 SO4 D . -10.84 17.03 -2.03
O3 SO4 D . -10.30 17.27 0.27
O4 SO4 D . -11.97 15.70 -0.41
#